data_4GIL
#
_entry.id   4GIL
#
_cell.length_a   61.472
_cell.length_b   77.116
_cell.length_c   200.219
_cell.angle_alpha   90.00
_cell.angle_beta   90.00
_cell.angle_gamma   90.00
#
_symmetry.space_group_name_H-M   'P 21 21 21'
#
loop_
_entity.id
_entity.type
_entity.pdbx_description
1 polymer "Pseudouridine-5'-phosphate glycosidase"
2 non-polymer 'MANGANESE (II) ION'
3 non-polymer "pseudouridine 5'-phosphate, linear"
4 water water
#
_entity_poly.entity_id   1
_entity_poly.type   'polypeptide(L)'
_entity_poly.pdbx_seq_one_letter_code
;MGSDKIHHHHHHSSGENLYFQGHMSELKISPELLQISPEVQDALKNKKPVVALESTIISHGMPFPQNAQTAIEVEETIRK
QGAVPATIAIIGGVMKVGLSKEEIELLGREGHNVTKVSRRDLPFVVAAGKNGATTVASTMIIAALAGIKVFATGGIGGVH
RGAEHTFDISADLQELANTNVTVVCAGAKSILDLGLTTEYLETFGVPLIGYQTKALPAFFCRTSPFDVSIRLDSASEIAR
AMVVKWQSGLNGGLVVANPIPEQFAMPEHTINAAIDQAVAEAEAQGVIGKESTPFLLARVAELTGGDSLKSNIQLVFNNA
ILASEIAKEYQRLAG
;
_entity_poly.pdbx_strand_id   A,B,C
#
loop_
_chem_comp.id
_chem_comp.type
_chem_comp.name
_chem_comp.formula
KPS non-polymer 'pseudouridine 5'-phosphate, linear' 'C9 H15 N2 O9 P'
MN non-polymer 'MANGANESE (II) ION' 'Mn 2'
#
# COMPACT_ATOMS: atom_id res chain seq x y z
N LYS A 28 0.92 8.39 23.47
CA LYS A 28 0.41 9.06 24.66
C LYS A 28 -1.08 8.76 24.90
N ILE A 29 -1.49 7.55 24.53
CA ILE A 29 -2.89 7.12 24.64
C ILE A 29 -3.43 7.12 26.07
N SER A 30 -4.73 7.37 26.22
CA SER A 30 -5.36 7.41 27.53
C SER A 30 -5.57 6.00 28.05
N PRO A 31 -5.50 5.81 29.38
CA PRO A 31 -5.72 4.52 30.04
C PRO A 31 -7.12 3.96 29.79
N GLU A 32 -8.05 4.80 29.35
CA GLU A 32 -9.38 4.32 28.99
C GLU A 32 -9.31 3.55 27.66
N LEU A 33 -8.18 3.68 26.97
CA LEU A 33 -7.95 3.01 25.69
C LEU A 33 -6.95 1.84 25.81
N LEU A 34 -5.73 2.15 26.25
CA LEU A 34 -4.67 1.17 26.38
C LEU A 34 -4.23 0.98 27.83
N GLN A 35 -4.20 -0.27 28.27
CA GLN A 35 -3.81 -0.63 29.63
C GLN A 35 -2.75 -1.71 29.61
N ILE A 36 -1.54 -1.36 30.06
CA ILE A 36 -0.44 -2.31 30.11
C ILE A 36 -0.31 -2.87 31.51
N SER A 37 -0.28 -4.20 31.62
CA SER A 37 -0.23 -4.84 32.93
C SER A 37 1.12 -4.58 33.63
N PRO A 38 1.08 -4.54 34.98
CA PRO A 38 2.24 -4.14 35.80
C PRO A 38 3.48 -5.01 35.56
N GLU A 39 3.30 -6.32 35.36
CA GLU A 39 4.43 -7.17 34.97
C GLU A 39 5.11 -6.57 33.73
N VAL A 40 4.32 -6.27 32.70
CA VAL A 40 4.88 -5.78 31.43
C VAL A 40 5.49 -4.38 31.59
N GLN A 41 4.81 -3.49 32.31
CA GLN A 41 5.35 -2.16 32.57
C GLN A 41 6.70 -2.21 33.27
N ASP A 42 6.80 -3.09 34.27
CA ASP A 42 8.04 -3.23 35.02
C ASP A 42 9.10 -3.75 34.08
N ALA A 43 8.73 -4.76 33.31
CA ALA A 43 9.59 -5.35 32.29
C ALA A 43 10.21 -4.27 31.43
N LEU A 44 9.38 -3.32 30.97
CA LEU A 44 9.86 -2.28 30.05
C LEU A 44 10.73 -1.24 30.77
N LYS A 45 10.33 -0.83 31.98
CA LYS A 45 11.17 0.04 32.80
C LYS A 45 12.56 -0.56 32.97
N ASN A 46 12.60 -1.79 33.45
CA ASN A 46 13.86 -2.45 33.80
C ASN A 46 14.50 -3.10 32.59
N LYS A 47 13.91 -2.83 31.43
CA LYS A 47 14.51 -3.20 30.16
C LYS A 47 14.76 -4.70 30.08
N LYS A 48 13.86 -5.47 30.69
CA LYS A 48 13.79 -6.91 30.51
C LYS A 48 13.14 -7.20 29.16
N PRO A 49 13.57 -8.28 28.49
CA PRO A 49 13.00 -8.54 27.15
C PRO A 49 11.54 -8.98 27.21
N VAL A 50 10.72 -8.42 26.32
CA VAL A 50 9.30 -8.73 26.29
C VAL A 50 8.88 -9.37 24.96
N VAL A 51 8.07 -10.41 25.04
CA VAL A 51 7.49 -11.04 23.86
C VAL A 51 5.97 -10.85 23.82
N ALA A 52 5.45 -10.21 22.78
CA ALA A 52 4.01 -10.08 22.63
C ALA A 52 3.38 -11.36 22.06
N LEU A 53 2.11 -11.57 22.42
CA LEU A 53 1.29 -12.67 21.90
C LEU A 53 -0.11 -12.21 21.46
N GLU A 54 -0.72 -12.95 20.54
CA GLU A 54 -2.03 -12.60 19.98
C GLU A 54 -3.19 -13.44 20.53
N SER A 55 -4.38 -12.86 20.52
CA SER A 55 -5.59 -13.54 21.01
C SER A 55 -6.50 -14.27 19.98
N THR A 56 -6.34 -14.04 18.70
CA THR A 56 -7.16 -14.73 17.71
C THR A 56 -6.91 -16.23 17.75
N ILE A 57 -5.68 -16.60 18.01
CA ILE A 57 -5.32 -17.98 18.04
C ILE A 57 -6.13 -18.71 19.09
N ILE A 58 -6.36 -18.06 20.22
CA ILE A 58 -7.16 -18.67 21.25
C ILE A 58 -8.64 -18.83 20.93
N SER A 59 -9.27 -17.74 20.52
CA SER A 59 -10.67 -17.72 20.18
C SER A 59 -11.09 -18.41 18.90
N HIS A 60 -10.33 -18.21 17.84
CA HIS A 60 -10.73 -18.75 16.56
C HIS A 60 -9.83 -19.81 16.03
N GLY A 61 -8.56 -19.69 16.38
CA GLY A 61 -7.54 -20.61 15.93
C GLY A 61 -7.67 -22.02 16.41
N MET A 62 -8.01 -22.18 17.67
CA MET A 62 -8.06 -23.50 18.29
C MET A 62 -9.33 -23.65 19.10
N PRO A 63 -9.74 -24.90 19.37
CA PRO A 63 -10.94 -25.16 20.17
C PRO A 63 -10.64 -25.24 21.65
N PHE A 64 -11.71 -25.36 22.46
CA PHE A 64 -11.60 -25.49 23.91
C PHE A 64 -11.54 -26.95 24.39
N PRO A 65 -10.81 -27.20 25.50
CA PRO A 65 -9.97 -26.17 26.10
C PRO A 65 -8.51 -26.22 25.66
N GLN A 66 -8.21 -26.44 24.38
CA GLN A 66 -6.81 -26.47 23.96
C GLN A 66 -6.29 -25.05 23.79
N ASN A 67 -7.18 -24.14 23.42
CA ASN A 67 -6.81 -22.74 23.20
C ASN A 67 -6.23 -22.09 24.45
N ALA A 68 -6.94 -22.17 25.57
CA ALA A 68 -6.48 -21.56 26.81
C ALA A 68 -5.28 -22.28 27.44
N GLN A 69 -5.30 -23.60 27.47
CA GLN A 69 -4.15 -24.36 27.95
C GLN A 69 -2.91 -23.95 27.20
N THR A 70 -3.06 -23.95 25.87
CA THR A 70 -1.98 -23.55 24.99
C THR A 70 -1.50 -22.14 25.30
N ALA A 71 -2.43 -21.20 25.47
CA ALA A 71 -2.06 -19.81 25.72
C ALA A 71 -1.31 -19.58 27.04
N ILE A 72 -1.88 -20.07 28.14
CA ILE A 72 -1.22 -19.91 29.43
C ILE A 72 0.16 -20.58 29.36
N GLU A 73 0.20 -21.76 28.76
CA GLU A 73 1.44 -22.51 28.64
C GLU A 73 2.50 -21.80 27.79
N VAL A 74 2.11 -21.19 26.68
CA VAL A 74 3.01 -20.37 25.88
C VAL A 74 3.58 -19.26 26.76
N GLU A 75 2.72 -18.66 27.58
CA GLU A 75 3.16 -17.59 28.47
C GLU A 75 4.27 -18.09 29.36
N GLU A 76 4.07 -19.29 29.91
CA GLU A 76 5.05 -19.85 30.83
C GLU A 76 6.34 -20.26 30.14
N THR A 77 6.22 -20.71 28.90
CA THR A 77 7.36 -21.09 28.11
C THR A 77 8.25 -19.86 28.01
N ILE A 78 7.63 -18.75 27.65
CA ILE A 78 8.38 -17.52 27.54
C ILE A 78 9.08 -17.21 28.86
N ARG A 79 8.32 -17.23 29.95
CA ARG A 79 8.92 -17.10 31.28
C ARG A 79 10.12 -18.01 31.58
N LYS A 80 10.07 -19.29 31.20
CA LYS A 80 11.19 -20.20 31.44
C LYS A 80 12.41 -19.89 30.55
N GLN A 81 12.19 -19.13 29.47
CA GLN A 81 13.32 -18.64 28.66
C GLN A 81 13.89 -17.33 29.23
N GLY A 82 13.29 -16.85 30.31
CA GLY A 82 13.76 -15.63 30.93
C GLY A 82 13.34 -14.36 30.24
N ALA A 83 12.16 -14.39 29.60
CA ALA A 83 11.56 -13.19 29.03
C ALA A 83 10.21 -12.98 29.68
N VAL A 84 9.54 -11.91 29.29
CA VAL A 84 8.26 -11.53 29.87
C VAL A 84 7.17 -11.56 28.81
N PRO A 85 6.15 -12.42 28.99
CA PRO A 85 5.08 -12.51 28.01
C PRO A 85 4.14 -11.32 28.15
N ALA A 86 3.68 -10.77 27.04
CA ALA A 86 2.53 -9.88 27.09
C ALA A 86 1.53 -10.36 26.04
N THR A 87 0.49 -11.02 26.50
CA THR A 87 -0.57 -11.42 25.59
C THR A 87 -1.44 -10.19 25.43
N ILE A 88 -1.93 -9.99 24.21
CA ILE A 88 -2.63 -8.78 23.85
C ILE A 88 -4.08 -9.09 23.48
N ALA A 89 -4.99 -8.22 23.90
CA ALA A 89 -6.39 -8.37 23.47
C ALA A 89 -7.25 -7.17 23.82
N ILE A 90 -8.55 -7.25 23.50
CA ILE A 90 -9.47 -6.17 23.82
C ILE A 90 -10.43 -6.68 24.89
N ILE A 91 -10.24 -6.19 26.11
CA ILE A 91 -11.05 -6.64 27.23
C ILE A 91 -11.99 -5.51 27.65
N GLY A 92 -13.29 -5.74 27.48
CA GLY A 92 -14.30 -4.75 27.78
C GLY A 92 -14.06 -3.39 27.15
N GLY A 93 -13.63 -3.37 25.90
CA GLY A 93 -13.38 -2.12 25.19
C GLY A 93 -12.00 -1.52 25.44
N VAL A 94 -11.19 -2.15 26.27
CA VAL A 94 -9.85 -1.62 26.51
C VAL A 94 -8.79 -2.43 25.76
N MET A 95 -7.82 -1.77 25.12
CA MET A 95 -6.72 -2.53 24.53
C MET A 95 -5.76 -2.89 25.66
N LYS A 96 -5.66 -4.18 25.97
CA LYS A 96 -4.88 -4.61 27.12
C LYS A 96 -3.65 -5.40 26.70
N VAL A 97 -2.50 -4.92 27.17
CA VAL A 97 -1.22 -5.54 26.94
C VAL A 97 -0.82 -6.29 28.21
N GLY A 98 -0.91 -7.62 28.13
CA GLY A 98 -0.77 -8.51 29.26
C GLY A 98 -2.15 -8.79 29.83
N LEU A 99 -2.38 -10.03 30.24
CA LEU A 99 -3.71 -10.48 30.55
C LEU A 99 -3.64 -11.39 31.77
N SER A 100 -4.73 -11.43 32.53
CA SER A 100 -4.85 -12.34 33.65
C SER A 100 -5.11 -13.75 33.11
N LYS A 101 -4.86 -14.76 33.94
CA LYS A 101 -5.30 -16.12 33.61
C LYS A 101 -6.80 -16.10 33.35
N GLU A 102 -7.51 -15.31 34.15
CA GLU A 102 -8.96 -15.23 34.01
C GLU A 102 -9.33 -14.85 32.58
N GLU A 103 -8.77 -13.74 32.10
CA GLU A 103 -9.21 -13.19 30.82
C GLU A 103 -8.93 -14.15 29.67
N ILE A 104 -7.85 -14.90 29.80
CA ILE A 104 -7.50 -15.90 28.80
C ILE A 104 -8.49 -17.06 28.82
N GLU A 105 -8.74 -17.60 30.02
CA GLU A 105 -9.80 -18.57 30.17
C GLU A 105 -11.06 -18.05 29.47
N LEU A 106 -11.33 -16.77 29.65
CA LEU A 106 -12.50 -16.09 29.08
C LEU A 106 -12.55 -16.18 27.57
N LEU A 107 -11.44 -15.80 26.93
CA LEU A 107 -11.40 -15.80 25.48
C LEU A 107 -11.52 -17.22 24.94
N GLY A 108 -10.91 -18.17 25.66
CA GLY A 108 -10.98 -19.58 25.27
C GLY A 108 -12.36 -20.22 25.41
N ARG A 109 -13.09 -19.87 26.46
CA ARG A 109 -14.46 -20.36 26.63
C ARG A 109 -15.44 -19.68 25.66
N GLU A 110 -15.41 -18.34 25.61
CA GLU A 110 -16.35 -17.60 24.77
C GLU A 110 -16.12 -17.89 23.29
N GLY A 111 -14.87 -18.18 22.94
CA GLY A 111 -14.53 -18.69 21.61
C GLY A 111 -15.02 -17.86 20.43
N HIS A 112 -15.66 -18.52 19.46
CA HIS A 112 -16.09 -17.84 18.25
C HIS A 112 -17.05 -16.67 18.53
N ASN A 113 -17.69 -16.69 19.69
CA ASN A 113 -18.63 -15.62 20.05
C ASN A 113 -17.91 -14.28 20.25
N VAL A 114 -16.60 -14.36 20.50
CA VAL A 114 -15.76 -13.18 20.63
C VAL A 114 -15.46 -12.64 19.22
N THR A 115 -15.29 -11.32 19.10
CA THR A 115 -15.03 -10.73 17.79
C THR A 115 -13.56 -10.87 17.39
N LYS A 116 -13.34 -11.52 16.26
CA LYS A 116 -12.02 -11.53 15.64
C LYS A 116 -11.74 -10.11 15.16
N VAL A 117 -10.63 -9.55 15.62
CA VAL A 117 -10.31 -8.14 15.38
C VAL A 117 -9.08 -7.93 14.51
N SER A 118 -9.29 -7.47 13.29
CA SER A 118 -8.19 -6.98 12.45
C SER A 118 -8.14 -5.45 12.55
N ARG A 119 -7.37 -4.80 11.68
CA ARG A 119 -7.23 -3.33 11.70
C ARG A 119 -8.57 -2.57 11.57
N ARG A 120 -9.36 -2.92 10.55
CA ARG A 120 -10.64 -2.24 10.32
C ARG A 120 -11.67 -2.46 11.44
N ASP A 121 -11.51 -3.55 12.21
CA ASP A 121 -12.41 -3.88 13.32
C ASP A 121 -12.12 -3.14 14.64
N LEU A 122 -10.85 -2.85 14.88
CA LEU A 122 -10.36 -2.39 16.20
C LEU A 122 -11.11 -1.23 16.92
N PRO A 123 -11.36 -0.12 16.20
CA PRO A 123 -11.92 1.07 16.86
C PRO A 123 -13.35 0.85 17.36
N PHE A 124 -14.09 -0.03 16.68
CA PHE A 124 -15.47 -0.29 17.04
C PHE A 124 -15.57 -1.19 18.27
N VAL A 125 -14.76 -2.24 18.31
CA VAL A 125 -14.71 -3.09 19.50
C VAL A 125 -14.22 -2.28 20.67
N VAL A 126 -13.40 -1.27 20.41
CA VAL A 126 -12.97 -0.41 21.53
C VAL A 126 -14.08 0.53 21.97
N ALA A 127 -14.82 1.06 21.01
CA ALA A 127 -15.90 1.99 21.29
C ALA A 127 -17.12 1.31 21.91
N ALA A 128 -17.57 0.22 21.31
CA ALA A 128 -18.74 -0.49 21.84
C ALA A 128 -18.40 -1.14 23.18
N GLY A 129 -17.12 -1.10 23.54
CA GLY A 129 -16.65 -1.60 24.83
C GLY A 129 -16.75 -3.11 24.96
N LYS A 130 -16.58 -3.81 23.85
CA LYS A 130 -16.76 -5.25 23.87
C LYS A 130 -15.41 -5.94 23.92
N ASN A 131 -15.43 -7.28 23.96
CA ASN A 131 -14.21 -8.06 23.96
C ASN A 131 -13.88 -8.47 22.56
N GLY A 132 -12.58 -8.52 22.25
CA GLY A 132 -12.15 -8.98 20.94
C GLY A 132 -10.78 -9.65 20.95
N ALA A 133 -10.61 -10.55 19.99
CA ALA A 133 -9.38 -11.32 19.88
C ALA A 133 -8.62 -10.78 18.69
N THR A 134 -7.41 -10.27 18.95
CA THR A 134 -6.67 -9.55 17.93
C THR A 134 -6.01 -10.50 16.97
N THR A 135 -6.02 -10.16 15.69
CA THR A 135 -5.21 -10.90 14.72
C THR A 135 -3.76 -10.43 14.80
N VAL A 136 -2.93 -10.97 13.92
CA VAL A 136 -1.57 -10.47 13.78
C VAL A 136 -1.52 -8.96 13.53
N ALA A 137 -2.30 -8.47 12.58
CA ALA A 137 -2.40 -7.02 12.31
C ALA A 137 -2.61 -6.20 13.60
N SER A 138 -3.73 -6.45 14.26
CA SER A 138 -4.07 -5.73 15.48
C SER A 138 -3.05 -5.92 16.59
N THR A 139 -2.57 -7.16 16.76
CA THR A 139 -1.56 -7.45 17.77
C THR A 139 -0.29 -6.62 17.52
N MET A 140 0.11 -6.50 16.26
CA MET A 140 1.22 -5.63 15.86
C MET A 140 0.96 -4.17 16.23
N ILE A 141 -0.24 -3.70 15.89
CA ILE A 141 -0.63 -2.32 16.18
C ILE A 141 -0.51 -1.97 17.66
N ILE A 142 -1.20 -2.75 18.49
CA ILE A 142 -1.13 -2.55 19.93
C ILE A 142 0.29 -2.73 20.50
N ALA A 143 0.98 -3.81 20.11
CA ALA A 143 2.35 -4.06 20.52
C ALA A 143 3.26 -2.85 20.25
N ALA A 144 3.13 -2.29 19.05
CA ALA A 144 3.89 -1.11 18.67
C ALA A 144 3.49 0.09 19.52
N LEU A 145 2.20 0.17 19.89
CA LEU A 145 1.74 1.23 20.79
C LEU A 145 2.38 1.11 22.16
N ALA A 146 2.71 -0.12 22.54
CA ALA A 146 3.28 -0.36 23.85
C ALA A 146 4.80 -0.41 23.79
N GLY A 147 5.35 -0.20 22.58
CA GLY A 147 6.79 -0.23 22.41
C GLY A 147 7.40 -1.61 22.53
N ILE A 148 6.61 -2.64 22.24
CA ILE A 148 7.12 -4.00 22.15
C ILE A 148 7.53 -4.35 20.72
N LYS A 149 8.78 -4.78 20.54
CA LYS A 149 9.29 -5.04 19.19
C LYS A 149 9.18 -6.48 18.71
N VAL A 150 8.96 -7.42 19.64
CA VAL A 150 8.97 -8.83 19.28
C VAL A 150 7.63 -9.47 19.60
N PHE A 151 7.12 -10.22 18.65
CA PHE A 151 5.78 -10.78 18.73
C PHE A 151 5.78 -12.21 18.19
N ALA A 152 5.38 -13.17 19.03
CA ALA A 152 5.28 -14.56 18.55
C ALA A 152 3.83 -14.99 18.29
N THR A 153 3.64 -15.77 17.23
CA THR A 153 2.34 -16.31 16.84
C THR A 153 2.60 -17.65 16.16
N GLY A 154 1.53 -18.36 15.77
CA GLY A 154 1.63 -19.58 15.00
C GLY A 154 2.01 -19.43 13.52
N GLY A 155 1.16 -18.76 12.78
CA GLY A 155 1.44 -18.52 11.38
C GLY A 155 0.77 -17.23 10.98
N ILE A 156 1.38 -16.51 10.05
CA ILE A 156 0.85 -15.23 9.64
C ILE A 156 -0.27 -15.44 8.61
N GLY A 157 -1.19 -14.48 8.56
CA GLY A 157 -2.15 -14.40 7.48
C GLY A 157 -1.37 -14.12 6.21
N GLY A 158 -2.05 -14.06 5.07
CA GLY A 158 -1.36 -13.86 3.81
C GLY A 158 -2.29 -13.80 2.63
N VAL A 159 -1.73 -14.05 1.46
CA VAL A 159 -2.50 -14.16 0.22
C VAL A 159 -3.18 -15.53 0.14
N HIS A 160 -4.51 -15.51 -0.02
CA HIS A 160 -5.32 -16.73 -0.08
C HIS A 160 -5.27 -17.37 -1.44
N ARG A 161 -5.44 -18.69 -1.46
CA ARG A 161 -5.55 -19.41 -2.73
C ARG A 161 -6.73 -18.81 -3.52
N GLY A 162 -6.54 -18.61 -4.81
CA GLY A 162 -7.58 -18.03 -5.65
C GLY A 162 -7.58 -16.51 -5.63
N ALA A 163 -6.69 -15.92 -4.83
CA ALA A 163 -6.66 -14.47 -4.65
C ALA A 163 -6.40 -13.68 -5.94
N GLU A 164 -5.83 -14.33 -6.94
CA GLU A 164 -5.63 -13.65 -8.21
C GLU A 164 -6.98 -13.25 -8.75
N HIS A 165 -8.00 -14.07 -8.52
CA HIS A 165 -9.38 -13.67 -8.85
C HIS A 165 -10.27 -13.13 -7.73
N THR A 166 -9.95 -13.41 -6.47
CA THR A 166 -10.83 -12.97 -5.38
C THR A 166 -10.38 -11.71 -4.64
N PHE A 167 -9.13 -11.30 -4.86
CA PHE A 167 -8.48 -10.25 -4.04
C PHE A 167 -8.49 -10.51 -2.51
N ASP A 168 -8.55 -11.77 -2.09
CA ASP A 168 -8.64 -12.03 -0.66
C ASP A 168 -7.22 -12.15 -0.10
N ILE A 169 -6.84 -11.10 0.62
CA ILE A 169 -5.48 -10.87 1.08
C ILE A 169 -5.50 -10.34 2.51
N SER A 170 -4.84 -11.02 3.43
CA SER A 170 -4.88 -10.62 4.83
C SER A 170 -4.36 -9.21 5.04
N ALA A 171 -4.95 -8.50 6.01
CA ALA A 171 -4.45 -7.17 6.36
C ALA A 171 -3.08 -7.30 7.06
N ASP A 172 -2.78 -8.51 7.52
CA ASP A 172 -1.48 -8.79 8.15
C ASP A 172 -0.32 -8.30 7.29
N LEU A 173 -0.39 -8.58 5.98
CA LEU A 173 0.69 -8.20 5.08
C LEU A 173 0.90 -6.69 5.04
N GLN A 174 -0.19 -5.92 5.01
CA GLN A 174 -0.08 -4.46 5.06
C GLN A 174 0.47 -3.97 6.38
N GLU A 175 0.09 -4.60 7.47
CA GLU A 175 0.65 -4.27 8.75
C GLU A 175 2.15 -4.49 8.81
N LEU A 176 2.60 -5.60 8.24
CA LEU A 176 4.00 -5.94 8.14
C LEU A 176 4.76 -4.95 7.30
N ALA A 177 4.12 -4.45 6.27
CA ALA A 177 4.65 -3.37 5.48
C ALA A 177 4.85 -2.10 6.28
N ASN A 178 3.98 -1.82 7.21
CA ASN A 178 3.98 -0.52 7.85
C ASN A 178 4.36 -0.36 9.33
N THR A 179 4.23 -1.40 10.13
CA THR A 179 4.43 -1.30 11.56
C THR A 179 5.66 -2.05 12.03
N ASN A 180 6.47 -1.43 12.86
CA ASN A 180 7.77 -1.93 13.26
C ASN A 180 7.76 -2.97 14.38
N VAL A 181 7.36 -4.17 14.03
CA VAL A 181 7.36 -5.31 14.92
C VAL A 181 7.94 -6.50 14.19
N THR A 182 8.73 -7.32 14.86
CA THR A 182 9.19 -8.57 14.30
C THR A 182 8.18 -9.66 14.71
N VAL A 183 7.75 -10.44 13.75
CA VAL A 183 6.77 -11.46 14.05
C VAL A 183 7.37 -12.84 13.79
N VAL A 184 7.56 -13.59 14.87
CA VAL A 184 8.06 -14.95 14.80
C VAL A 184 6.88 -15.91 14.57
N CYS A 185 7.02 -16.75 13.56
CA CYS A 185 5.95 -17.63 13.16
C CYS A 185 6.55 -18.82 12.46
N ALA A 186 5.71 -19.76 12.09
CA ALA A 186 6.08 -20.99 11.39
C ALA A 186 5.89 -20.79 9.89
N GLY A 187 5.89 -19.52 9.49
CA GLY A 187 5.66 -19.12 8.11
C GLY A 187 4.27 -18.52 7.99
N ALA A 188 3.78 -18.36 6.77
CA ALA A 188 2.36 -18.08 6.57
C ALA A 188 1.59 -19.37 6.78
N LYS A 189 0.31 -19.26 7.15
CA LYS A 189 -0.48 -20.46 7.35
C LYS A 189 -0.50 -21.22 6.03
N SER A 190 -0.31 -22.53 6.10
CA SER A 190 -0.16 -23.32 4.88
C SER A 190 -1.47 -23.51 4.11
N ILE A 191 -2.58 -23.02 4.65
CA ILE A 191 -3.84 -23.05 3.92
C ILE A 191 -3.89 -21.97 2.84
N LEU A 192 -2.91 -21.07 2.87
CA LEU A 192 -2.88 -19.91 1.97
C LEU A 192 -2.11 -20.18 0.69
N ASP A 193 -1.90 -19.14 -0.11
CA ASP A 193 -1.01 -19.27 -1.26
C ASP A 193 0.37 -18.69 -0.91
N LEU A 194 1.32 -19.60 -0.70
CA LEU A 194 2.65 -19.23 -0.21
C LEU A 194 3.45 -18.47 -1.26
N GLY A 195 3.41 -18.93 -2.51
CA GLY A 195 4.07 -18.22 -3.59
C GLY A 195 3.64 -16.77 -3.73
N LEU A 196 2.33 -16.58 -3.87
CA LEU A 196 1.77 -15.24 -3.96
C LEU A 196 2.16 -14.43 -2.72
N THR A 197 2.15 -15.08 -1.56
CA THR A 197 2.52 -14.41 -0.33
C THR A 197 3.97 -13.90 -0.35
N THR A 198 4.90 -14.72 -0.87
CA THR A 198 6.31 -14.31 -0.96
C THR A 198 6.54 -13.15 -1.95
N GLU A 199 5.80 -13.18 -3.07
CA GLU A 199 5.83 -12.03 -3.99
C GLU A 199 5.30 -10.77 -3.29
N TYR A 200 4.20 -10.95 -2.59
CA TYR A 200 3.55 -9.84 -1.95
C TYR A 200 4.49 -9.19 -0.93
N LEU A 201 5.12 -10.00 -0.08
CA LEU A 201 6.05 -9.46 0.90
C LEU A 201 7.21 -8.73 0.25
N GLU A 202 7.79 -9.29 -0.82
CA GLU A 202 8.82 -8.56 -1.54
C GLU A 202 8.38 -7.17 -2.07
N THR A 203 7.18 -7.10 -2.66
CA THR A 203 6.70 -5.83 -3.22
C THR A 203 6.63 -4.74 -2.15
N PHE A 204 6.18 -5.15 -0.98
CA PHE A 204 6.04 -4.24 0.15
C PHE A 204 7.26 -4.12 1.08
N GLY A 205 8.39 -4.73 0.67
CA GLY A 205 9.68 -4.46 1.30
C GLY A 205 9.87 -5.09 2.67
N VAL A 206 9.14 -6.17 2.90
CA VAL A 206 9.13 -6.83 4.19
C VAL A 206 10.08 -8.00 4.14
N PRO A 207 11.10 -7.99 5.01
CA PRO A 207 12.05 -9.11 5.09
C PRO A 207 11.37 -10.42 5.49
N LEU A 208 11.65 -11.47 4.74
CA LEU A 208 11.18 -12.77 5.13
C LEU A 208 12.41 -13.59 5.50
N ILE A 209 12.67 -13.62 6.79
CA ILE A 209 13.86 -14.30 7.32
C ILE A 209 13.60 -15.79 7.63
N GLY A 210 14.30 -16.71 6.99
CA GLY A 210 14.33 -18.08 7.47
C GLY A 210 15.26 -18.28 8.66
N TYR A 211 14.74 -18.75 9.79
CA TYR A 211 15.65 -19.09 10.88
C TYR A 211 16.17 -20.50 10.63
N GLN A 212 17.48 -20.58 10.39
CA GLN A 212 18.21 -21.78 9.98
C GLN A 212 17.55 -22.54 8.82
N THR A 213 16.95 -21.81 7.89
CA THR A 213 16.37 -22.45 6.73
C THR A 213 16.31 -21.49 5.52
N LYS A 214 16.60 -21.99 4.33
CA LYS A 214 16.35 -21.25 3.11
C LYS A 214 14.93 -21.50 2.57
N ALA A 215 14.52 -22.76 2.61
CA ALA A 215 13.16 -23.10 2.20
C ALA A 215 12.21 -22.44 3.19
N LEU A 216 11.13 -21.87 2.67
CA LEU A 216 10.08 -21.33 3.50
C LEU A 216 9.34 -22.49 4.18
N PRO A 217 9.29 -22.49 5.52
CA PRO A 217 8.51 -23.46 6.28
C PRO A 217 7.02 -23.31 5.96
N ALA A 218 6.29 -24.41 5.86
CA ALA A 218 4.86 -24.23 5.72
C ALA A 218 4.15 -24.74 6.96
N PHE A 219 4.01 -23.85 7.94
CA PHE A 219 3.10 -24.12 9.04
C PHE A 219 3.33 -25.53 9.63
N PHE A 220 2.37 -26.44 9.46
CA PHE A 220 2.47 -27.80 9.98
C PHE A 220 3.69 -28.54 9.45
N CYS A 221 4.22 -28.06 8.33
CA CYS A 221 5.22 -28.77 7.57
C CYS A 221 6.53 -27.95 7.53
N ARG A 222 7.68 -28.63 7.58
CA ARG A 222 8.98 -27.97 7.73
C ARG A 222 9.52 -27.23 6.49
N THR A 223 9.26 -27.75 5.31
CA THR A 223 9.70 -27.08 4.08
C THR A 223 8.54 -26.85 3.11
N SER A 224 8.86 -26.25 1.97
CA SER A 224 7.92 -26.06 0.88
C SER A 224 8.76 -25.78 -0.36
N PRO A 225 8.13 -25.69 -1.53
CA PRO A 225 8.80 -25.38 -2.80
C PRO A 225 9.33 -23.93 -2.87
N PHE A 226 8.96 -23.07 -1.91
CA PHE A 226 9.37 -21.66 -1.94
C PHE A 226 10.58 -21.28 -1.07
N ASP A 227 11.04 -20.05 -1.21
CA ASP A 227 12.23 -19.58 -0.49
C ASP A 227 11.90 -18.38 0.41
N VAL A 228 12.58 -18.30 1.55
CA VAL A 228 12.60 -17.07 2.32
C VAL A 228 13.47 -16.06 1.56
N SER A 229 13.39 -14.77 1.91
CA SER A 229 14.23 -13.77 1.26
C SER A 229 15.68 -13.79 1.78
N ILE A 230 15.86 -14.22 3.03
CA ILE A 230 17.21 -14.44 3.54
C ILE A 230 17.27 -15.47 4.68
N ARG A 231 18.28 -16.33 4.67
CA ARG A 231 18.47 -17.25 5.79
C ARG A 231 19.41 -16.64 6.83
N LEU A 232 18.98 -16.64 8.09
CA LEU A 232 19.86 -16.25 9.20
C LEU A 232 19.95 -17.39 10.22
N ASP A 233 21.14 -17.66 10.73
CA ASP A 233 21.29 -18.81 11.62
C ASP A 233 21.23 -18.52 13.13
N SER A 234 20.96 -17.27 13.53
CA SER A 234 20.94 -16.94 14.96
C SER A 234 20.03 -15.78 15.33
N ALA A 235 19.44 -15.84 16.52
CA ALA A 235 18.68 -14.70 17.04
C ALA A 235 19.49 -13.41 16.95
N SER A 236 20.78 -13.52 17.25
CA SER A 236 21.67 -12.38 17.34
C SER A 236 21.72 -11.55 16.05
N GLU A 237 21.78 -12.27 14.93
CA GLU A 237 21.83 -11.61 13.64
C GLU A 237 20.47 -10.98 13.29
N ILE A 238 19.40 -11.56 13.82
CA ILE A 238 18.07 -11.05 13.57
C ILE A 238 17.91 -9.73 14.34
N ALA A 239 18.28 -9.71 15.61
CA ALA A 239 18.21 -8.49 16.42
C ALA A 239 19.04 -7.38 15.78
N ARG A 240 20.22 -7.76 15.30
CA ARG A 240 21.10 -6.80 14.69
C ARG A 240 20.41 -6.21 13.44
N ALA A 241 19.89 -7.08 12.58
CA ALA A 241 19.17 -6.60 11.40
C ALA A 241 18.06 -5.62 11.79
N MET A 242 17.26 -5.98 12.79
CA MET A 242 16.19 -5.11 13.28
C MET A 242 16.67 -3.71 13.64
N VAL A 243 17.69 -3.63 14.47
CA VAL A 243 18.25 -2.32 14.82
C VAL A 243 18.73 -1.52 13.60
N VAL A 244 19.47 -2.19 12.70
CA VAL A 244 19.91 -1.50 11.50
C VAL A 244 18.70 -0.98 10.68
N LYS A 245 17.72 -1.85 10.46
CA LYS A 245 16.54 -1.53 9.68
C LYS A 245 15.83 -0.30 10.23
N TRP A 246 15.49 -0.33 11.50
CA TRP A 246 14.77 0.80 12.06
C TRP A 246 15.62 2.08 12.18
N GLN A 247 16.88 1.95 12.57
CA GLN A 247 17.77 3.11 12.65
C GLN A 247 18.04 3.80 11.30
N SER A 248 17.88 3.08 10.20
CA SER A 248 18.04 3.68 8.88
C SER A 248 16.69 4.19 8.32
N GLY A 249 15.66 4.10 9.15
CA GLY A 249 14.35 4.62 8.84
C GLY A 249 13.44 3.76 8.00
N LEU A 250 13.77 2.48 7.83
CA LEU A 250 12.89 1.69 7.01
C LEU A 250 11.85 1.10 7.92
N ASN A 251 10.70 1.75 7.95
CA ASN A 251 9.63 1.34 8.81
C ASN A 251 8.93 0.14 8.21
N GLY A 252 8.24 -0.60 9.07
CA GLY A 252 7.71 -1.89 8.72
C GLY A 252 8.36 -3.00 9.50
N GLY A 253 7.68 -4.13 9.53
CA GLY A 253 8.11 -5.24 10.34
C GLY A 253 8.93 -6.24 9.57
N LEU A 254 9.23 -7.35 10.24
CA LEU A 254 10.04 -8.42 9.68
C LEU A 254 9.34 -9.71 10.04
N VAL A 255 9.32 -10.65 9.11
CA VAL A 255 8.76 -11.96 9.40
C VAL A 255 9.87 -12.91 9.68
N VAL A 256 9.81 -13.59 10.81
CA VAL A 256 10.80 -14.65 11.05
C VAL A 256 10.12 -16.00 11.02
N ALA A 257 10.40 -16.73 9.93
CA ALA A 257 9.81 -18.04 9.66
C ALA A 257 10.68 -19.14 10.27
N ASN A 258 10.08 -19.85 11.21
CA ASN A 258 10.70 -20.76 12.15
C ASN A 258 10.12 -22.14 11.92
N PRO A 259 10.91 -23.08 11.37
CA PRO A 259 10.31 -24.38 11.06
C PRO A 259 9.85 -25.10 12.32
N ILE A 260 8.71 -25.81 12.20
CA ILE A 260 8.23 -26.69 13.26
C ILE A 260 9.27 -27.78 13.52
N PRO A 261 9.45 -28.14 14.78
CA PRO A 261 10.39 -29.18 15.14
C PRO A 261 10.01 -30.51 14.53
N GLU A 262 11.01 -31.32 14.23
CA GLU A 262 10.87 -32.54 13.48
C GLU A 262 9.94 -33.54 14.12
N GLN A 263 9.92 -33.55 15.45
CA GLN A 263 9.10 -34.46 16.22
C GLN A 263 7.65 -34.24 15.95
N PHE A 264 7.29 -32.98 15.77
CA PHE A 264 5.91 -32.61 15.58
C PHE A 264 5.45 -32.27 14.17
N ALA A 265 6.32 -32.42 13.19
CA ALA A 265 5.97 -32.05 11.83
C ALA A 265 5.03 -33.05 11.17
N MET A 266 3.93 -32.56 10.60
CA MET A 266 3.05 -33.38 9.75
C MET A 266 3.78 -33.79 8.45
N PRO A 267 3.65 -35.06 8.03
CA PRO A 267 4.21 -35.40 6.72
C PRO A 267 3.43 -34.70 5.60
N GLU A 268 4.16 -34.20 4.60
CA GLU A 268 3.66 -33.34 3.54
C GLU A 268 2.43 -33.87 2.83
N HIS A 269 2.49 -35.12 2.39
CA HIS A 269 1.42 -35.68 1.57
C HIS A 269 0.04 -35.68 2.26
N THR A 270 0.01 -36.16 3.50
CA THR A 270 -1.22 -36.21 4.29
C THR A 270 -1.81 -34.82 4.48
N ILE A 271 -1.00 -33.93 5.05
CA ILE A 271 -1.44 -32.58 5.40
C ILE A 271 -1.90 -31.80 4.18
N ASN A 272 -1.17 -31.91 3.07
CA ASN A 272 -1.55 -31.25 1.82
C ASN A 272 -2.87 -31.81 1.30
N ALA A 273 -3.07 -33.12 1.42
CA ALA A 273 -4.37 -33.66 1.01
C ALA A 273 -5.52 -33.06 1.83
N ALA A 274 -5.33 -32.96 3.15
CA ALA A 274 -6.35 -32.41 4.04
C ALA A 274 -6.58 -30.90 3.84
N ILE A 275 -5.51 -30.16 3.56
CA ILE A 275 -5.61 -28.75 3.22
C ILE A 275 -6.34 -28.55 1.90
N ASP A 276 -5.98 -29.31 0.88
CA ASP A 276 -6.59 -29.15 -0.43
C ASP A 276 -8.07 -29.48 -0.38
N GLN A 277 -8.42 -30.54 0.35
CA GLN A 277 -9.84 -30.87 0.48
C GLN A 277 -10.56 -29.77 1.24
N ALA A 278 -9.97 -29.31 2.33
CA ALA A 278 -10.64 -28.28 3.12
C ALA A 278 -10.86 -26.98 2.32
N VAL A 279 -9.93 -26.67 1.42
CA VAL A 279 -9.99 -25.46 0.62
C VAL A 279 -11.05 -25.59 -0.49
N ALA A 280 -11.11 -26.78 -1.10
CA ALA A 280 -12.17 -27.03 -2.07
C ALA A 280 -13.55 -26.91 -1.41
N GLU A 281 -13.72 -27.60 -0.28
CA GLU A 281 -14.96 -27.53 0.50
C GLU A 281 -15.37 -26.11 0.82
N ALA A 282 -14.40 -25.30 1.26
CA ALA A 282 -14.71 -23.92 1.56
C ALA A 282 -15.16 -23.18 0.30
N GLU A 283 -14.57 -23.52 -0.85
CA GLU A 283 -15.00 -22.87 -2.09
C GLU A 283 -16.47 -23.20 -2.41
N ALA A 284 -16.77 -24.49 -2.39
CA ALA A 284 -18.09 -25.02 -2.69
C ALA A 284 -19.17 -24.51 -1.74
N GLN A 285 -18.77 -24.20 -0.50
CA GLN A 285 -19.70 -23.80 0.55
C GLN A 285 -19.82 -22.29 0.67
N GLY A 286 -19.15 -21.57 -0.22
CA GLY A 286 -19.18 -20.12 -0.21
C GLY A 286 -18.65 -19.46 1.05
N VAL A 287 -17.77 -20.14 1.77
CA VAL A 287 -17.05 -19.50 2.87
C VAL A 287 -16.19 -18.36 2.29
N ILE A 288 -16.24 -17.20 2.93
CA ILE A 288 -15.41 -16.07 2.53
C ILE A 288 -14.99 -15.24 3.73
N GLY A 289 -14.17 -14.23 3.47
CA GLY A 289 -13.81 -13.24 4.47
C GLY A 289 -13.15 -13.76 5.72
N LYS A 290 -13.36 -13.04 6.81
CA LYS A 290 -12.65 -13.28 8.07
C LYS A 290 -12.94 -14.68 8.63
N GLU A 291 -13.91 -15.36 8.04
CA GLU A 291 -14.38 -16.65 8.52
C GLU A 291 -13.63 -17.81 7.88
N SER A 292 -12.85 -17.51 6.84
CA SER A 292 -12.19 -18.56 6.05
C SER A 292 -11.16 -19.35 6.86
N THR A 293 -10.28 -18.61 7.54
CA THR A 293 -9.15 -19.24 8.23
C THR A 293 -9.61 -20.12 9.37
N PRO A 294 -10.49 -19.61 10.24
CA PRO A 294 -11.07 -20.48 11.28
C PRO A 294 -11.74 -21.73 10.68
N PHE A 295 -12.53 -21.54 9.63
CA PHE A 295 -13.15 -22.68 8.97
C PHE A 295 -12.12 -23.71 8.49
N LEU A 296 -11.11 -23.26 7.76
CA LEU A 296 -10.09 -24.17 7.25
C LEU A 296 -9.32 -24.89 8.38
N LEU A 297 -8.85 -24.12 9.36
CA LEU A 297 -8.09 -24.69 10.49
C LEU A 297 -8.86 -25.81 11.22
N ALA A 298 -10.13 -25.56 11.51
CA ALA A 298 -11.00 -26.54 12.18
C ALA A 298 -11.23 -27.78 11.32
N ARG A 299 -11.45 -27.56 10.02
CA ARG A 299 -11.77 -28.62 9.08
C ARG A 299 -10.57 -29.52 8.83
N VAL A 300 -9.38 -28.91 8.78
CA VAL A 300 -8.13 -29.66 8.70
C VAL A 300 -7.89 -30.46 9.99
N ALA A 301 -8.33 -29.92 11.12
CA ALA A 301 -8.20 -30.64 12.38
C ALA A 301 -9.16 -31.84 12.41
N GLU A 302 -10.34 -31.65 11.85
CA GLU A 302 -11.29 -32.74 11.72
C GLU A 302 -10.67 -33.81 10.83
N LEU A 303 -10.13 -33.38 9.69
CA LEU A 303 -9.63 -34.31 8.67
C LEU A 303 -8.37 -35.08 9.10
N THR A 304 -7.60 -34.49 10.00
CA THR A 304 -6.39 -35.13 10.49
C THR A 304 -6.60 -35.81 11.86
N GLY A 305 -7.83 -35.78 12.36
CA GLY A 305 -8.14 -36.39 13.64
C GLY A 305 -7.38 -35.78 14.81
N GLY A 306 -7.20 -34.46 14.79
CA GLY A 306 -6.53 -33.76 15.86
C GLY A 306 -5.04 -33.54 15.66
N ASP A 307 -4.45 -34.20 14.67
CA ASP A 307 -2.99 -34.15 14.48
C ASP A 307 -2.48 -32.77 14.05
N SER A 308 -3.18 -32.15 13.09
CA SER A 308 -2.84 -30.81 12.63
C SER A 308 -2.88 -29.85 13.81
N LEU A 309 -3.84 -30.05 14.70
CA LEU A 309 -3.95 -29.20 15.87
C LEU A 309 -2.79 -29.37 16.86
N LYS A 310 -2.45 -30.62 17.18
CA LYS A 310 -1.30 -30.91 18.05
C LYS A 310 -0.01 -30.29 17.50
N SER A 311 0.19 -30.47 16.19
CA SER A 311 1.37 -29.93 15.53
C SER A 311 1.39 -28.41 15.61
N ASN A 312 0.23 -27.79 15.43
CA ASN A 312 0.12 -26.34 15.49
C ASN A 312 0.50 -25.81 16.87
N ILE A 313 0.05 -26.51 17.90
CA ILE A 313 0.37 -26.14 19.28
C ILE A 313 1.88 -26.25 19.50
N GLN A 314 2.47 -27.31 18.96
CA GLN A 314 3.92 -27.51 19.07
C GLN A 314 4.67 -26.39 18.36
N LEU A 315 4.17 -25.99 17.20
CA LEU A 315 4.79 -24.92 16.43
C LEU A 315 4.77 -23.61 17.21
N VAL A 316 3.67 -23.34 17.89
CA VAL A 316 3.53 -22.12 18.69
C VAL A 316 4.55 -22.07 19.85
N PHE A 317 4.70 -23.18 20.60
CA PHE A 317 5.68 -23.17 21.69
C PHE A 317 7.07 -22.88 21.16
N ASN A 318 7.39 -23.52 20.04
CA ASN A 318 8.69 -23.34 19.40
C ASN A 318 8.98 -21.87 19.05
N ASN A 319 8.05 -21.25 18.32
CA ASN A 319 8.14 -19.83 18.02
C ASN A 319 8.25 -18.94 19.26
N ALA A 320 7.53 -19.29 20.31
CA ALA A 320 7.69 -18.54 21.57
C ALA A 320 9.13 -18.62 22.07
N ILE A 321 9.73 -19.79 21.95
CA ILE A 321 11.10 -19.92 22.45
C ILE A 321 12.06 -19.06 21.66
N LEU A 322 12.08 -19.27 20.34
CA LEU A 322 12.92 -18.44 19.48
C LEU A 322 12.68 -16.94 19.72
N ALA A 323 11.41 -16.56 19.85
CA ALA A 323 11.02 -15.16 20.06
C ALA A 323 11.60 -14.60 21.35
N SER A 324 11.72 -15.45 22.36
CA SER A 324 12.32 -15.01 23.62
C SER A 324 13.79 -14.74 23.38
N GLU A 325 14.43 -15.58 22.57
CA GLU A 325 15.86 -15.37 22.32
C GLU A 325 16.07 -14.07 21.52
N ILE A 326 15.25 -13.86 20.50
CA ILE A 326 15.36 -12.67 19.66
C ILE A 326 15.14 -11.40 20.50
N ALA A 327 14.07 -11.37 21.29
CA ALA A 327 13.81 -10.19 22.13
C ALA A 327 14.96 -9.95 23.11
N LYS A 328 15.48 -11.01 23.73
CA LYS A 328 16.64 -10.81 24.60
C LYS A 328 17.80 -10.14 23.83
N GLU A 329 18.13 -10.71 22.67
CA GLU A 329 19.18 -10.15 21.83
C GLU A 329 18.92 -8.71 21.37
N TYR A 330 17.66 -8.36 21.19
CA TYR A 330 17.31 -7.05 20.68
C TYR A 330 17.41 -6.02 21.80
N GLN A 331 16.93 -6.40 22.97
CA GLN A 331 16.98 -5.57 24.15
C GLN A 331 18.43 -5.27 24.55
N ARG A 332 19.26 -6.29 24.45
CA ARG A 332 20.71 -6.14 24.63
C ARG A 332 21.28 -4.95 23.84
N LEU A 333 20.91 -4.85 22.57
CA LEU A 333 21.39 -3.79 21.69
C LEU A 333 20.67 -2.44 21.88
N ALA A 334 19.50 -2.47 22.52
CA ALA A 334 18.61 -1.30 22.57
C ALA A 334 18.19 -0.96 24.01
N LEU B 27 16.47 11.82 11.27
CA LEU B 27 17.20 12.71 10.37
C LEU B 27 18.69 12.50 10.55
N LYS B 28 19.12 12.29 11.78
CA LYS B 28 20.52 12.03 12.05
C LYS B 28 20.73 10.53 12.04
N ILE B 29 21.38 10.05 10.97
CA ILE B 29 21.70 8.63 10.87
C ILE B 29 23.17 8.45 11.16
N SER B 30 23.47 7.39 11.92
CA SER B 30 24.82 7.04 12.34
C SER B 30 25.80 6.86 11.16
N PRO B 31 27.00 7.43 11.31
CA PRO B 31 28.06 7.31 10.30
C PRO B 31 28.41 5.85 10.00
N GLU B 32 28.15 4.94 10.93
CA GLU B 32 28.40 3.52 10.67
C GLU B 32 27.51 2.98 9.55
N LEU B 33 26.25 3.43 9.55
CA LEU B 33 25.25 3.04 8.54
C LEU B 33 25.26 3.86 7.24
N LEU B 34 25.53 5.16 7.35
CA LEU B 34 25.40 6.07 6.20
C LEU B 34 26.55 7.06 6.09
N GLN B 35 27.19 7.04 4.93
CA GLN B 35 28.33 7.90 4.64
C GLN B 35 28.21 8.64 3.31
N ILE B 36 28.26 9.95 3.38
CA ILE B 36 28.14 10.78 2.19
C ILE B 36 29.54 11.25 1.80
N SER B 37 29.87 11.19 0.50
CA SER B 37 31.19 11.62 0.06
C SER B 37 31.40 13.09 0.45
N PRO B 38 32.66 13.49 0.63
CA PRO B 38 32.91 14.90 0.97
C PRO B 38 32.42 15.81 -0.16
N GLU B 39 32.62 15.37 -1.40
CA GLU B 39 32.18 16.13 -2.57
C GLU B 39 30.66 16.37 -2.56
N VAL B 40 29.89 15.29 -2.44
CA VAL B 40 28.44 15.39 -2.42
C VAL B 40 28.00 16.22 -1.22
N GLN B 41 28.76 16.13 -0.14
CA GLN B 41 28.43 16.89 1.07
C GLN B 41 28.65 18.39 0.87
N ASP B 42 29.67 18.76 0.11
CA ASP B 42 29.94 20.17 -0.16
C ASP B 42 28.92 20.70 -1.16
N ALA B 43 28.49 19.83 -2.07
CA ALA B 43 27.50 20.23 -3.07
C ALA B 43 26.12 20.44 -2.44
N LEU B 44 25.79 19.59 -1.49
CA LEU B 44 24.58 19.73 -0.73
C LEU B 44 24.66 20.96 0.15
N LYS B 45 25.81 21.14 0.77
CA LYS B 45 26.03 22.26 1.67
C LYS B 45 25.98 23.55 0.92
N ASN B 46 26.59 23.55 -0.25
CA ASN B 46 26.76 24.74 -1.06
C ASN B 46 25.64 24.83 -2.07
N LYS B 47 24.65 23.97 -1.93
CA LYS B 47 23.43 24.11 -2.69
C LYS B 47 23.59 23.85 -4.16
N LYS B 48 24.67 23.19 -4.52
CA LYS B 48 24.80 22.67 -5.86
C LYS B 48 23.81 21.53 -6.09
N PRO B 49 23.17 21.51 -7.25
CA PRO B 49 22.22 20.48 -7.67
C PRO B 49 22.90 19.13 -7.76
N VAL B 50 22.34 18.12 -7.10
CA VAL B 50 22.94 16.79 -7.11
C VAL B 50 22.03 15.77 -7.79
N VAL B 51 22.64 14.87 -8.56
CA VAL B 51 21.90 13.83 -9.26
C VAL B 51 22.26 12.42 -8.77
N ALA B 52 21.28 11.69 -8.24
CA ALA B 52 21.54 10.36 -7.71
C ALA B 52 21.70 9.32 -8.81
N LEU B 53 22.45 8.26 -8.52
CA LEU B 53 22.69 7.19 -9.48
C LEU B 53 22.72 5.81 -8.78
N GLU B 54 22.08 4.82 -9.39
CA GLU B 54 22.00 3.47 -8.82
C GLU B 54 23.17 2.51 -9.11
N SER B 55 23.43 1.61 -8.18
CA SER B 55 24.49 0.60 -8.26
C SER B 55 24.12 -0.70 -9.03
N THR B 56 22.83 -1.05 -9.03
CA THR B 56 22.39 -2.34 -9.56
C THR B 56 22.48 -2.35 -11.10
N ILE B 57 22.37 -1.16 -11.68
CA ILE B 57 22.66 -0.98 -13.09
C ILE B 57 24.02 -1.60 -13.41
N ILE B 58 24.99 -1.40 -12.52
CA ILE B 58 26.35 -1.85 -12.73
C ILE B 58 26.56 -3.36 -12.52
N SER B 59 26.09 -3.87 -11.38
CA SER B 59 26.28 -5.28 -11.06
C SER B 59 25.38 -6.25 -11.84
N HIS B 60 24.07 -6.00 -11.81
CA HIS B 60 23.13 -6.92 -12.46
C HIS B 60 22.52 -6.50 -13.80
N GLY B 61 22.79 -5.28 -14.27
CA GLY B 61 22.13 -4.78 -15.46
C GLY B 61 22.98 -4.74 -16.71
N MET B 62 24.29 -4.85 -16.51
CA MET B 62 25.25 -4.76 -17.59
C MET B 62 26.44 -5.65 -17.28
N PRO B 63 27.10 -6.17 -18.32
CA PRO B 63 28.29 -6.99 -18.05
C PRO B 63 29.55 -6.13 -17.88
N PHE B 64 30.65 -6.79 -17.56
CA PHE B 64 31.94 -6.11 -17.42
C PHE B 64 32.62 -6.10 -18.78
N PRO B 65 33.45 -5.06 -19.07
CA PRO B 65 33.76 -3.77 -18.46
C PRO B 65 32.67 -2.69 -18.66
N GLN B 66 31.74 -2.93 -19.57
CA GLN B 66 30.70 -1.94 -19.89
C GLN B 66 30.00 -1.37 -18.66
N ASN B 67 29.85 -2.20 -17.62
CA ASN B 67 29.27 -1.78 -16.35
C ASN B 67 29.98 -0.56 -15.75
N ALA B 68 31.21 -0.78 -15.29
CA ALA B 68 31.98 0.30 -14.68
C ALA B 68 32.17 1.48 -15.64
N GLN B 69 32.48 1.16 -16.90
CA GLN B 69 32.72 2.19 -17.91
C GLN B 69 31.53 3.14 -18.01
N THR B 70 30.36 2.56 -18.28
CA THR B 70 29.14 3.35 -18.40
C THR B 70 28.90 4.17 -17.13
N ALA B 71 29.02 3.55 -15.96
CA ALA B 71 28.77 4.29 -14.71
C ALA B 71 29.66 5.53 -14.54
N ILE B 72 30.95 5.36 -14.81
CA ILE B 72 31.87 6.50 -14.75
C ILE B 72 31.58 7.57 -15.82
N GLU B 73 31.34 7.13 -17.06
CA GLU B 73 31.01 8.07 -18.13
C GLU B 73 29.70 8.80 -17.81
N VAL B 74 28.83 8.17 -17.02
CA VAL B 74 27.57 8.80 -16.63
C VAL B 74 27.84 9.89 -15.61
N GLU B 75 28.64 9.56 -14.59
CA GLU B 75 29.09 10.58 -13.64
C GLU B 75 29.68 11.78 -14.38
N GLU B 76 30.54 11.50 -15.34
CA GLU B 76 31.17 12.55 -16.14
C GLU B 76 30.12 13.39 -16.88
N THR B 77 29.21 12.71 -17.56
CA THR B 77 28.11 13.36 -18.28
C THR B 77 27.39 14.36 -17.38
N ILE B 78 26.97 13.91 -16.20
CA ILE B 78 26.31 14.81 -15.27
C ILE B 78 27.26 15.95 -14.87
N ARG B 79 28.57 15.71 -14.94
CA ARG B 79 29.55 16.75 -14.63
C ARG B 79 29.61 17.85 -15.70
N LYS B 80 29.62 17.45 -16.96
CA LYS B 80 29.52 18.40 -18.08
C LYS B 80 28.31 19.34 -17.92
N GLN B 81 27.19 18.80 -17.43
CA GLN B 81 25.96 19.58 -17.24
C GLN B 81 26.06 20.58 -16.08
N GLY B 82 27.20 20.57 -15.39
CA GLY B 82 27.40 21.47 -14.26
C GLY B 82 26.56 21.04 -13.07
N ALA B 83 26.62 19.75 -12.76
CA ALA B 83 25.86 19.20 -11.65
C ALA B 83 26.68 18.07 -10.99
N VAL B 84 26.44 17.80 -9.70
CA VAL B 84 27.25 16.84 -8.97
C VAL B 84 26.57 15.48 -8.82
N PRO B 85 27.18 14.44 -9.39
CA PRO B 85 26.63 13.08 -9.30
C PRO B 85 26.89 12.45 -7.94
N ALA B 86 25.90 11.74 -7.39
CA ALA B 86 26.15 10.84 -6.29
C ALA B 86 25.73 9.42 -6.68
N THR B 87 26.70 8.56 -6.97
CA THR B 87 26.36 7.18 -7.26
C THR B 87 26.19 6.53 -5.92
N ILE B 88 25.16 5.71 -5.78
CA ILE B 88 24.80 5.16 -4.49
C ILE B 88 24.99 3.66 -4.45
N ALA B 89 25.59 3.16 -3.37
CA ALA B 89 25.72 1.70 -3.25
C ALA B 89 25.97 1.27 -1.82
N ILE B 90 26.05 -0.03 -1.57
CA ILE B 90 26.43 -0.46 -0.24
C ILE B 90 27.82 -1.07 -0.30
N ILE B 91 28.75 -0.44 0.40
CA ILE B 91 30.12 -0.89 0.39
C ILE B 91 30.53 -1.24 1.81
N GLY B 92 30.92 -2.50 2.04
CA GLY B 92 31.47 -2.90 3.32
C GLY B 92 30.48 -2.64 4.44
N GLY B 93 29.20 -2.82 4.13
CA GLY B 93 28.13 -2.65 5.11
C GLY B 93 27.66 -1.22 5.30
N VAL B 94 28.27 -0.29 4.57
CA VAL B 94 27.91 1.12 4.69
C VAL B 94 27.10 1.61 3.49
N MET B 95 25.97 2.26 3.77
CA MET B 95 25.21 2.94 2.72
C MET B 95 26.02 4.15 2.30
N LYS B 96 26.37 4.21 1.02
CA LYS B 96 27.31 5.18 0.55
C LYS B 96 26.73 6.04 -0.54
N VAL B 97 26.68 7.34 -0.25
CA VAL B 97 26.24 8.34 -1.21
C VAL B 97 27.49 9.00 -1.78
N GLY B 98 27.76 8.67 -3.03
CA GLY B 98 28.96 9.06 -3.73
C GLY B 98 30.01 7.97 -3.55
N LEU B 99 30.73 7.66 -4.61
CA LEU B 99 31.63 6.53 -4.62
C LEU B 99 32.92 6.91 -5.33
N SER B 100 33.94 6.08 -5.17
CA SER B 100 35.20 6.29 -5.84
C SER B 100 35.24 5.46 -7.11
N LYS B 101 36.28 5.65 -7.90
CA LYS B 101 36.44 4.90 -9.14
C LYS B 101 36.68 3.43 -8.80
N GLU B 102 37.51 3.21 -7.78
CA GLU B 102 37.80 1.87 -7.32
C GLU B 102 36.51 1.14 -6.95
N GLU B 103 35.60 1.81 -6.24
CA GLU B 103 34.38 1.16 -5.76
C GLU B 103 33.42 0.79 -6.88
N ILE B 104 33.16 1.76 -7.76
CA ILE B 104 32.36 1.53 -8.96
C ILE B 104 32.93 0.32 -9.71
N GLU B 105 34.25 0.32 -9.90
CA GLU B 105 34.94 -0.74 -10.64
C GLU B 105 34.81 -2.09 -9.95
N LEU B 106 34.90 -2.08 -8.62
CA LEU B 106 34.75 -3.29 -7.83
C LEU B 106 33.36 -3.91 -8.05
N LEU B 107 32.32 -3.08 -7.92
CA LEU B 107 30.96 -3.53 -8.22
C LEU B 107 30.86 -4.09 -9.65
N GLY B 108 31.51 -3.40 -10.57
CA GLY B 108 31.53 -3.77 -11.97
C GLY B 108 32.11 -5.15 -12.24
N ARG B 109 33.28 -5.45 -11.67
CA ARG B 109 33.93 -6.74 -11.88
C ARG B 109 33.30 -7.85 -11.02
N GLU B 110 32.72 -7.48 -9.89
CA GLU B 110 32.13 -8.45 -8.98
C GLU B 110 30.77 -8.95 -9.47
N GLY B 111 30.01 -8.08 -10.13
CA GLY B 111 28.81 -8.51 -10.82
C GLY B 111 27.78 -9.24 -9.98
N HIS B 112 27.41 -10.43 -10.39
CA HIS B 112 26.37 -11.15 -9.67
C HIS B 112 26.82 -11.57 -8.26
N ASN B 113 28.13 -11.59 -8.02
CA ASN B 113 28.65 -11.89 -6.68
C ASN B 113 28.23 -10.83 -5.66
N VAL B 114 27.81 -9.68 -6.16
CA VAL B 114 27.28 -8.61 -5.31
C VAL B 114 25.78 -8.78 -5.14
N THR B 115 25.32 -8.72 -3.89
CA THR B 115 23.90 -8.89 -3.60
C THR B 115 23.08 -7.78 -4.26
N LYS B 116 22.05 -8.17 -5.02
CA LYS B 116 21.09 -7.19 -5.52
C LYS B 116 20.24 -6.73 -4.35
N VAL B 117 20.12 -5.42 -4.16
CA VAL B 117 19.52 -4.88 -2.93
C VAL B 117 18.28 -4.00 -3.13
N SER B 118 17.14 -4.53 -2.76
CA SER B 118 15.88 -3.82 -2.66
C SER B 118 15.63 -3.50 -1.20
N ARG B 119 14.50 -2.92 -0.89
CA ARG B 119 14.20 -2.51 0.46
C ARG B 119 14.24 -3.66 1.48
N ARG B 120 13.71 -4.81 1.14
CA ARG B 120 13.73 -5.98 2.00
C ARG B 120 15.11 -6.51 2.28
N ASP B 121 15.98 -6.42 1.28
CA ASP B 121 17.39 -6.72 1.36
C ASP B 121 18.30 -5.85 2.21
N LEU B 122 18.02 -4.55 2.17
CA LEU B 122 18.88 -3.49 2.70
C LEU B 122 19.48 -3.70 4.10
N PRO B 123 18.64 -3.93 5.13
CA PRO B 123 19.20 -4.07 6.48
C PRO B 123 20.25 -5.18 6.65
N PHE B 124 20.13 -6.28 5.90
CA PHE B 124 21.01 -7.45 6.08
C PHE B 124 22.39 -7.29 5.45
N VAL B 125 22.45 -6.68 4.26
CA VAL B 125 23.72 -6.31 3.66
C VAL B 125 24.46 -5.32 4.56
N VAL B 126 23.74 -4.31 5.06
CA VAL B 126 24.35 -3.32 5.95
C VAL B 126 24.75 -3.91 7.31
N ALA B 127 23.91 -4.77 7.86
CA ALA B 127 24.23 -5.41 9.14
C ALA B 127 25.44 -6.35 9.05
N ALA B 128 25.53 -7.10 7.96
CA ALA B 128 26.57 -8.11 7.79
C ALA B 128 27.84 -7.62 7.09
N GLY B 129 27.96 -6.31 6.86
CA GLY B 129 29.22 -5.72 6.38
C GLY B 129 29.53 -6.06 4.93
N LYS B 130 28.49 -6.24 4.13
CA LYS B 130 28.68 -6.72 2.78
C LYS B 130 28.53 -5.61 1.74
N ASN B 131 28.77 -5.95 0.48
CA ASN B 131 28.62 -5.02 -0.62
C ASN B 131 27.26 -5.28 -1.23
N GLY B 132 26.63 -4.23 -1.72
CA GLY B 132 25.40 -4.41 -2.45
C GLY B 132 25.10 -3.34 -3.47
N ALA B 133 24.37 -3.76 -4.49
CA ALA B 133 24.10 -2.95 -5.65
C ALA B 133 22.64 -2.61 -5.53
N THR B 134 22.36 -1.30 -5.44
CA THR B 134 21.03 -0.82 -5.09
C THR B 134 20.11 -0.66 -6.29
N THR B 135 18.89 -1.21 -6.17
CA THR B 135 17.88 -1.02 -7.20
C THR B 135 17.27 0.39 -7.08
N VAL B 136 16.34 0.72 -7.95
CA VAL B 136 15.68 2.02 -7.87
C VAL B 136 15.12 2.28 -6.47
N ALA B 137 14.53 1.28 -5.86
CA ALA B 137 13.91 1.42 -4.54
C ALA B 137 14.92 1.78 -3.46
N SER B 138 15.96 0.97 -3.36
CA SER B 138 17.02 1.17 -2.37
C SER B 138 17.68 2.51 -2.59
N THR B 139 18.04 2.74 -3.85
CA THR B 139 18.61 4.02 -4.25
C THR B 139 17.75 5.20 -3.80
N MET B 140 16.43 5.11 -4.02
CA MET B 140 15.53 6.21 -3.66
C MET B 140 15.57 6.40 -2.16
N ILE B 141 15.52 5.29 -1.43
CA ILE B 141 15.54 5.32 0.03
C ILE B 141 16.78 6.09 0.54
N ILE B 142 17.94 5.68 0.08
CA ILE B 142 19.20 6.32 0.49
C ILE B 142 19.28 7.80 0.06
N ALA B 143 19.02 8.06 -1.22
CA ALA B 143 18.98 9.44 -1.70
C ALA B 143 18.13 10.28 -0.76
N ALA B 144 16.94 9.78 -0.44
CA ALA B 144 16.04 10.49 0.45
C ALA B 144 16.64 10.71 1.84
N LEU B 145 17.43 9.75 2.32
CA LEU B 145 18.17 9.97 3.57
C LEU B 145 19.20 11.10 3.46
N ALA B 146 19.76 11.31 2.27
CA ALA B 146 20.75 12.37 2.12
C ALA B 146 20.09 13.64 1.62
N GLY B 147 18.77 13.57 1.46
CA GLY B 147 17.99 14.69 0.97
C GLY B 147 18.39 15.06 -0.45
N ILE B 148 18.40 14.06 -1.32
CA ILE B 148 18.63 14.28 -2.75
C ILE B 148 17.34 13.96 -3.47
N LYS B 149 16.82 14.95 -4.19
CA LYS B 149 15.50 14.80 -4.78
C LYS B 149 15.50 14.28 -6.22
N VAL B 150 16.68 14.21 -6.85
CA VAL B 150 16.73 13.86 -8.27
C VAL B 150 17.64 12.66 -8.54
N PHE B 151 17.09 11.66 -9.22
CA PHE B 151 17.73 10.37 -9.40
C PHE B 151 17.55 9.93 -10.86
N ALA B 152 18.67 9.72 -11.54
CA ALA B 152 18.66 9.26 -12.92
C ALA B 152 19.02 7.77 -13.02
N THR B 153 18.17 7.02 -13.70
CA THR B 153 18.45 5.62 -13.97
C THR B 153 18.09 5.25 -15.42
N GLY B 154 18.32 4.00 -15.82
CA GLY B 154 17.86 3.53 -17.12
C GLY B 154 16.34 3.33 -17.20
N GLY B 155 15.83 2.41 -16.41
CA GLY B 155 14.40 2.20 -16.39
C GLY B 155 13.98 1.67 -15.05
N ILE B 156 12.76 2.01 -14.66
CA ILE B 156 12.23 1.57 -13.38
C ILE B 156 11.68 0.16 -13.47
N GLY B 157 11.65 -0.54 -12.35
CA GLY B 157 10.94 -1.79 -12.27
C GLY B 157 9.47 -1.47 -12.40
N GLY B 158 8.65 -2.50 -12.48
CA GLY B 158 7.22 -2.30 -12.70
C GLY B 158 6.49 -3.61 -12.48
N VAL B 159 5.26 -3.65 -13.03
CA VAL B 159 4.44 -4.84 -12.99
C VAL B 159 4.92 -5.81 -14.06
N HIS B 160 5.29 -7.01 -13.65
CA HIS B 160 5.81 -8.01 -14.57
C HIS B 160 4.71 -8.62 -15.43
N ARG B 161 5.04 -8.99 -16.67
CA ARG B 161 4.09 -9.71 -17.50
C ARG B 161 3.72 -10.98 -16.76
N GLY B 162 2.41 -11.27 -16.69
CA GLY B 162 1.88 -12.37 -15.91
C GLY B 162 1.52 -12.05 -14.45
N ALA B 163 1.75 -10.81 -14.03
CA ALA B 163 1.51 -10.41 -12.65
C ALA B 163 0.07 -10.63 -12.16
N GLU B 164 -0.89 -10.72 -13.07
CA GLU B 164 -2.27 -11.05 -12.74
C GLU B 164 -2.33 -12.33 -11.94
N HIS B 165 -1.71 -13.38 -12.47
CA HIS B 165 -1.51 -14.64 -11.73
C HIS B 165 -0.28 -14.77 -10.81
N THR B 166 0.86 -14.18 -11.19
CA THR B 166 2.08 -14.34 -10.38
C THR B 166 2.23 -13.37 -9.23
N PHE B 167 1.54 -12.24 -9.30
CA PHE B 167 1.73 -11.16 -8.31
C PHE B 167 3.15 -10.56 -8.32
N ASP B 168 3.86 -10.65 -9.45
CA ASP B 168 5.27 -10.22 -9.43
C ASP B 168 5.32 -8.74 -9.79
N ILE B 169 5.57 -7.93 -8.78
CA ILE B 169 5.40 -6.49 -8.87
C ILE B 169 6.56 -5.87 -8.14
N SER B 170 7.33 -5.04 -8.84
CA SER B 170 8.55 -4.49 -8.28
C SER B 170 8.26 -3.65 -7.05
N ALA B 171 9.12 -3.77 -6.05
CA ALA B 171 9.05 -2.89 -4.89
C ALA B 171 9.37 -1.43 -5.26
N ASP B 172 9.97 -1.23 -6.43
CA ASP B 172 10.17 0.12 -6.96
C ASP B 172 8.88 0.94 -6.94
N LEU B 173 7.78 0.34 -7.35
CA LEU B 173 6.51 1.07 -7.46
C LEU B 173 6.00 1.53 -6.10
N GLN B 174 6.20 0.69 -5.08
CA GLN B 174 5.91 1.07 -3.69
C GLN B 174 6.85 2.17 -3.18
N GLU B 175 8.14 2.08 -3.51
CA GLU B 175 9.03 3.17 -3.13
C GLU B 175 8.55 4.49 -3.74
N LEU B 176 8.12 4.44 -4.99
CA LEU B 176 7.59 5.59 -5.69
C LEU B 176 6.34 6.11 -5.03
N ALA B 177 5.53 5.22 -4.51
CA ALA B 177 4.34 5.61 -3.81
C ALA B 177 4.60 6.43 -2.58
N ASN B 178 5.67 6.14 -1.86
CA ASN B 178 5.92 6.78 -0.58
C ASN B 178 7.11 7.71 -0.41
N THR B 179 8.08 7.67 -1.29
CA THR B 179 9.36 8.31 -1.05
C THR B 179 9.69 9.45 -2.00
N ASN B 180 10.10 10.57 -1.45
CA ASN B 180 10.23 11.83 -2.19
C ASN B 180 11.47 12.01 -3.03
N VAL B 181 11.48 11.38 -4.19
CA VAL B 181 12.54 11.49 -5.15
C VAL B 181 11.91 11.58 -6.50
N THR B 182 12.51 12.30 -7.43
CA THR B 182 12.11 12.20 -8.82
C THR B 182 13.04 11.25 -9.57
N VAL B 183 12.45 10.30 -10.29
CA VAL B 183 13.24 9.32 -10.98
C VAL B 183 13.09 9.48 -12.47
N VAL B 184 14.17 9.91 -13.11
CA VAL B 184 14.23 10.10 -14.55
C VAL B 184 14.64 8.80 -15.20
N CYS B 185 13.83 8.32 -16.13
CA CYS B 185 14.12 7.08 -16.83
C CYS B 185 13.56 7.11 -18.25
N ALA B 186 13.81 6.02 -18.97
CA ALA B 186 13.25 5.75 -20.29
C ALA B 186 11.92 5.01 -20.11
N GLY B 187 11.37 5.13 -18.91
CA GLY B 187 10.11 4.49 -18.56
C GLY B 187 10.41 3.24 -17.76
N ALA B 188 9.46 2.31 -17.71
CA ALA B 188 9.72 0.99 -17.18
C ALA B 188 10.44 0.16 -18.21
N LYS B 189 11.21 -0.82 -17.74
CA LYS B 189 11.96 -1.66 -18.65
C LYS B 189 10.96 -2.34 -19.56
N SER B 190 11.27 -2.38 -20.85
CA SER B 190 10.32 -2.85 -21.85
C SER B 190 9.96 -4.32 -21.61
N ILE B 191 10.73 -4.98 -20.76
CA ILE B 191 10.52 -6.40 -20.44
C ILE B 191 9.30 -6.63 -19.53
N LEU B 192 8.77 -5.54 -18.99
CA LEU B 192 7.62 -5.59 -18.09
C LEU B 192 6.27 -5.52 -18.80
N ASP B 193 5.22 -5.36 -18.01
CA ASP B 193 3.89 -5.10 -18.57
C ASP B 193 3.53 -3.62 -18.34
N LEU B 194 3.62 -2.84 -19.41
CA LEU B 194 3.49 -1.38 -19.32
C LEU B 194 2.07 -0.89 -18.95
N GLY B 195 1.04 -1.47 -19.57
CA GLY B 195 -0.34 -1.12 -19.23
C GLY B 195 -0.68 -1.24 -17.76
N LEU B 196 -0.37 -2.40 -17.19
CA LEU B 196 -0.63 -2.64 -15.76
C LEU B 196 0.22 -1.73 -14.86
N THR B 197 1.40 -1.37 -15.33
CA THR B 197 2.27 -0.44 -14.62
C THR B 197 1.60 0.92 -14.55
N THR B 198 1.11 1.41 -15.69
CA THR B 198 0.40 2.69 -15.73
C THR B 198 -0.82 2.68 -14.80
N GLU B 199 -1.59 1.58 -14.83
CA GLU B 199 -2.71 1.40 -13.87
C GLU B 199 -2.27 1.42 -12.40
N TYR B 200 -1.15 0.76 -12.10
CA TYR B 200 -0.63 0.63 -10.74
C TYR B 200 -0.22 1.98 -10.19
N LEU B 201 0.55 2.72 -10.98
CA LEU B 201 0.95 4.06 -10.60
C LEU B 201 -0.26 4.97 -10.37
N GLU B 202 -1.31 4.89 -11.17
CA GLU B 202 -2.50 5.70 -10.92
C GLU B 202 -3.13 5.36 -9.58
N THR B 203 -3.23 4.09 -9.26
CA THR B 203 -3.84 3.67 -8.02
C THR B 203 -3.08 4.19 -6.82
N PHE B 204 -1.77 4.24 -6.95
CA PHE B 204 -0.89 4.65 -5.88
C PHE B 204 -0.47 6.11 -5.87
N GLY B 205 -1.10 6.90 -6.73
CA GLY B 205 -1.00 8.34 -6.69
C GLY B 205 0.28 8.89 -7.22
N VAL B 206 0.98 8.09 -7.97
CA VAL B 206 2.27 8.50 -8.46
C VAL B 206 2.10 9.07 -9.83
N PRO B 207 2.50 10.31 -9.99
CA PRO B 207 2.39 10.93 -11.31
C PRO B 207 3.41 10.31 -12.26
N LEU B 208 2.95 9.98 -13.46
CA LEU B 208 3.84 9.47 -14.50
C LEU B 208 4.01 10.56 -15.54
N ILE B 209 5.16 11.23 -15.53
CA ILE B 209 5.35 12.41 -16.37
C ILE B 209 6.06 12.06 -17.66
N GLY B 210 5.35 12.12 -18.78
CA GLY B 210 5.98 12.05 -20.08
C GLY B 210 6.70 13.37 -20.36
N TYR B 211 7.99 13.32 -20.68
CA TYR B 211 8.71 14.55 -20.99
C TYR B 211 8.64 14.80 -22.50
N GLN B 212 7.91 15.84 -22.89
CA GLN B 212 7.71 16.18 -24.29
C GLN B 212 7.05 15.06 -25.08
N THR B 213 6.28 14.21 -24.40
CA THR B 213 5.50 13.17 -25.06
C THR B 213 4.27 12.81 -24.22
N LYS B 214 3.14 12.57 -24.88
CA LYS B 214 1.98 12.01 -24.16
C LYS B 214 2.03 10.48 -24.18
N ALA B 215 2.83 9.93 -25.10
CA ALA B 215 2.97 8.49 -25.19
C ALA B 215 4.13 8.04 -24.31
N LEU B 216 3.89 6.98 -23.56
CA LEU B 216 4.89 6.40 -22.68
C LEU B 216 6.10 5.86 -23.46
N PRO B 217 7.30 6.39 -23.18
CA PRO B 217 8.51 5.77 -23.73
C PRO B 217 8.66 4.32 -23.30
N ALA B 218 9.14 3.52 -24.23
CA ALA B 218 9.30 2.07 -24.12
C ALA B 218 10.68 1.56 -23.71
N PHE B 219 11.52 2.37 -23.08
CA PHE B 219 12.88 1.93 -22.78
C PHE B 219 13.66 1.88 -24.11
N PHE B 220 14.05 0.71 -24.60
CA PHE B 220 14.69 0.66 -25.92
C PHE B 220 13.91 1.44 -27.04
N CYS B 221 12.60 1.58 -26.89
CA CYS B 221 11.75 2.26 -27.87
C CYS B 221 11.30 3.64 -27.40
N ARG B 222 11.12 4.57 -28.33
CA ARG B 222 10.63 5.91 -27.99
C ARG B 222 9.13 5.92 -27.69
N THR B 223 8.38 5.03 -28.33
CA THR B 223 6.92 5.05 -28.18
C THR B 223 6.38 3.72 -27.66
N SER B 224 5.20 3.79 -27.08
CA SER B 224 4.42 2.63 -26.71
C SER B 224 2.97 2.97 -26.97
N PRO B 225 2.08 1.95 -27.04
CA PRO B 225 0.66 2.29 -27.13
C PRO B 225 0.02 2.54 -25.76
N PHE B 226 0.72 3.29 -24.91
CA PHE B 226 0.23 3.66 -23.59
C PHE B 226 0.61 5.08 -23.34
N ASP B 227 -0.17 5.78 -22.53
CA ASP B 227 0.02 7.20 -22.32
C ASP B 227 0.55 7.48 -20.92
N VAL B 228 1.27 8.59 -20.77
CA VAL B 228 1.68 9.04 -19.45
C VAL B 228 0.48 9.69 -18.79
N SER B 229 0.63 10.07 -17.52
CA SER B 229 -0.47 10.74 -16.82
C SER B 229 -0.49 12.24 -17.10
N ILE B 230 0.69 12.83 -17.16
CA ILE B 230 0.84 14.23 -17.49
C ILE B 230 2.01 14.33 -18.42
N ARG B 231 1.89 15.18 -19.43
CA ARG B 231 2.99 15.41 -20.34
C ARG B 231 3.49 16.82 -20.15
N LEU B 232 4.80 16.98 -20.02
CA LEU B 232 5.35 18.29 -19.79
C LEU B 232 6.59 18.49 -20.63
N ASP B 233 6.80 19.70 -21.11
CA ASP B 233 7.85 19.98 -22.08
C ASP B 233 9.12 20.65 -21.58
N SER B 234 9.19 21.05 -20.31
CA SER B 234 10.40 21.67 -19.78
C SER B 234 10.77 21.12 -18.41
N ALA B 235 12.04 21.30 -18.05
CA ALA B 235 12.52 20.89 -16.74
C ALA B 235 11.84 21.67 -15.63
N SER B 236 11.73 22.98 -15.84
CA SER B 236 11.23 23.91 -14.83
C SER B 236 9.83 23.55 -14.37
N GLU B 237 8.99 23.11 -15.32
CA GLU B 237 7.65 22.66 -14.98
C GLU B 237 7.73 21.47 -14.05
N ILE B 238 8.57 20.50 -14.41
CA ILE B 238 8.77 19.30 -13.63
C ILE B 238 9.18 19.66 -12.19
N ALA B 239 10.16 20.54 -12.06
CA ALA B 239 10.58 21.02 -10.75
C ALA B 239 9.44 21.70 -9.97
N ARG B 240 8.79 22.67 -10.57
CA ARG B 240 7.69 23.38 -9.90
C ARG B 240 6.58 22.41 -9.43
N ALA B 241 6.31 21.39 -10.24
CA ALA B 241 5.34 20.36 -9.88
C ALA B 241 5.85 19.55 -8.67
N MET B 242 7.15 19.28 -8.66
CA MET B 242 7.76 18.65 -7.49
C MET B 242 7.50 19.47 -6.23
N VAL B 243 7.73 20.77 -6.34
CA VAL B 243 7.63 21.64 -5.18
C VAL B 243 6.19 21.72 -4.69
N VAL B 244 5.25 21.95 -5.58
CA VAL B 244 3.85 21.99 -5.17
C VAL B 244 3.47 20.65 -4.51
N LYS B 245 3.83 19.54 -5.15
CA LYS B 245 3.57 18.21 -4.61
C LYS B 245 4.05 18.07 -3.15
N TRP B 246 5.30 18.42 -2.88
CA TRP B 246 5.80 18.20 -1.52
C TRP B 246 5.39 19.26 -0.50
N GLN B 247 5.44 20.53 -0.91
CA GLN B 247 4.99 21.63 -0.05
C GLN B 247 3.55 21.36 0.38
N SER B 248 2.83 20.59 -0.44
CA SER B 248 1.43 20.23 -0.20
C SER B 248 1.26 18.96 0.64
N GLY B 249 2.36 18.27 0.91
CA GLY B 249 2.28 17.09 1.75
C GLY B 249 1.91 15.76 1.10
N LEU B 250 1.86 15.71 -0.23
CA LEU B 250 1.61 14.41 -0.84
C LEU B 250 2.95 13.74 -1.07
N ASN B 251 3.26 12.74 -0.26
CA ASN B 251 4.59 12.18 -0.33
C ASN B 251 4.62 11.17 -1.45
N GLY B 252 5.81 10.66 -1.75
CA GLY B 252 5.97 9.81 -2.90
C GLY B 252 6.74 10.53 -3.98
N GLY B 253 7.27 9.76 -4.91
CA GLY B 253 8.16 10.28 -5.92
C GLY B 253 7.41 10.52 -7.21
N LEU B 254 8.15 10.87 -8.25
CA LEU B 254 7.56 11.10 -9.57
C LEU B 254 8.36 10.31 -10.58
N VAL B 255 7.68 9.68 -11.54
CA VAL B 255 8.41 9.09 -12.67
C VAL B 255 8.46 10.08 -13.82
N VAL B 256 9.67 10.48 -14.21
CA VAL B 256 9.84 11.27 -15.41
C VAL B 256 10.36 10.38 -16.53
N ALA B 257 9.47 10.03 -17.44
CA ALA B 257 9.81 9.08 -18.50
C ALA B 257 10.33 9.86 -19.70
N ASN B 258 11.60 9.61 -20.01
CA ASN B 258 12.34 10.33 -21.03
C ASN B 258 12.69 9.40 -22.18
N PRO B 259 12.03 9.59 -23.33
CA PRO B 259 12.26 8.69 -24.47
C PRO B 259 13.72 8.67 -24.90
N ILE B 260 14.24 7.49 -25.21
CA ILE B 260 15.56 7.35 -25.78
C ILE B 260 15.59 8.23 -27.02
N PRO B 261 16.78 8.77 -27.38
CA PRO B 261 16.85 9.61 -28.58
C PRO B 261 16.71 8.77 -29.86
N GLU B 262 16.25 9.39 -30.93
CA GLU B 262 15.93 8.67 -32.13
C GLU B 262 17.13 7.92 -32.66
N GLN B 263 18.32 8.47 -32.45
CA GLN B 263 19.51 7.87 -33.02
C GLN B 263 19.74 6.44 -32.57
N PHE B 264 19.58 6.19 -31.29
CA PHE B 264 20.01 4.90 -30.76
C PHE B 264 18.92 3.90 -30.52
N ALA B 265 17.70 4.24 -30.89
CA ALA B 265 16.55 3.43 -30.60
C ALA B 265 16.61 2.10 -31.29
N MET B 266 15.96 1.12 -30.71
CA MET B 266 15.84 -0.18 -31.31
C MET B 266 14.67 -0.26 -32.27
N PRO B 267 14.78 -1.14 -33.27
CA PRO B 267 13.69 -1.45 -34.19
C PRO B 267 12.57 -2.22 -33.49
N GLU B 268 11.33 -1.74 -33.59
CA GLU B 268 10.21 -2.34 -32.87
C GLU B 268 10.17 -3.86 -33.05
N HIS B 269 10.18 -4.30 -34.30
CA HIS B 269 10.15 -5.72 -34.61
C HIS B 269 11.24 -6.49 -33.85
N THR B 270 12.50 -6.15 -34.13
CA THR B 270 13.63 -6.93 -33.62
C THR B 270 13.66 -7.01 -32.08
N ILE B 271 13.59 -5.85 -31.43
CA ILE B 271 13.63 -5.74 -29.98
C ILE B 271 12.44 -6.44 -29.30
N ASN B 272 11.24 -6.20 -29.80
CA ASN B 272 10.07 -6.93 -29.31
C ASN B 272 10.20 -8.45 -29.42
N ALA B 273 10.70 -8.95 -30.55
CA ALA B 273 10.91 -10.38 -30.70
C ALA B 273 11.90 -10.89 -29.66
N ALA B 274 12.99 -10.15 -29.50
CA ALA B 274 14.00 -10.52 -28.51
C ALA B 274 13.36 -10.64 -27.12
N ILE B 275 12.66 -9.59 -26.72
CA ILE B 275 12.03 -9.56 -25.40
C ILE B 275 11.04 -10.70 -25.20
N ASP B 276 10.21 -10.95 -26.21
CA ASP B 276 9.19 -12.00 -26.13
C ASP B 276 9.82 -13.39 -25.95
N GLN B 277 10.81 -13.70 -26.78
CA GLN B 277 11.57 -14.95 -26.64
C GLN B 277 12.17 -15.04 -25.24
N ALA B 278 12.82 -13.97 -24.82
CA ALA B 278 13.49 -13.93 -23.53
C ALA B 278 12.50 -14.25 -22.40
N VAL B 279 11.31 -13.66 -22.51
CA VAL B 279 10.28 -13.82 -21.48
C VAL B 279 9.75 -15.25 -21.45
N ALA B 280 9.46 -15.79 -22.64
CA ALA B 280 8.95 -17.16 -22.72
C ALA B 280 9.98 -18.12 -22.16
N GLU B 281 11.25 -17.84 -22.44
CA GLU B 281 12.35 -18.67 -21.99
C GLU B 281 12.48 -18.63 -20.48
N ALA B 282 12.51 -17.42 -19.92
CA ALA B 282 12.59 -17.27 -18.47
C ALA B 282 11.47 -18.06 -17.81
N GLU B 283 10.27 -17.92 -18.34
CA GLU B 283 9.11 -18.60 -17.78
C GLU B 283 9.26 -20.12 -17.86
N ALA B 284 9.67 -20.60 -19.02
CA ALA B 284 9.86 -22.05 -19.23
C ALA B 284 10.95 -22.64 -18.33
N GLN B 285 11.98 -21.85 -18.02
CA GLN B 285 13.03 -22.30 -17.13
C GLN B 285 12.70 -22.10 -15.65
N GLY B 286 11.66 -21.33 -15.38
CA GLY B 286 11.23 -21.10 -14.02
C GLY B 286 12.09 -20.10 -13.29
N VAL B 287 12.56 -19.08 -14.02
CA VAL B 287 13.29 -17.98 -13.39
C VAL B 287 12.25 -17.12 -12.70
N ILE B 288 12.45 -16.85 -11.43
CA ILE B 288 11.49 -16.04 -10.68
C ILE B 288 12.21 -15.11 -9.74
N GLY B 289 11.47 -14.15 -9.20
CA GLY B 289 12.02 -13.24 -8.20
C GLY B 289 13.06 -12.26 -8.75
N LYS B 290 14.01 -11.91 -7.88
CA LYS B 290 14.99 -10.85 -8.15
C LYS B 290 15.92 -11.20 -9.32
N GLU B 291 16.11 -12.50 -9.56
CA GLU B 291 16.80 -12.98 -10.75
C GLU B 291 16.12 -12.67 -12.11
N SER B 292 14.81 -12.39 -12.12
CA SER B 292 14.09 -12.28 -13.40
C SER B 292 14.64 -11.20 -14.34
N THR B 293 14.65 -9.96 -13.87
CA THR B 293 15.10 -8.84 -14.70
C THR B 293 16.54 -8.99 -15.22
N PRO B 294 17.51 -9.27 -14.34
CA PRO B 294 18.90 -9.45 -14.80
C PRO B 294 19.08 -10.56 -15.85
N PHE B 295 18.31 -11.64 -15.72
CA PHE B 295 18.33 -12.74 -16.67
C PHE B 295 17.80 -12.29 -18.04
N LEU B 296 16.67 -11.57 -18.00
CA LEU B 296 15.99 -11.08 -19.20
C LEU B 296 16.81 -10.03 -19.96
N LEU B 297 17.47 -9.13 -19.23
CA LEU B 297 18.35 -8.14 -19.84
C LEU B 297 19.57 -8.82 -20.49
N ALA B 298 20.18 -9.73 -19.75
CA ALA B 298 21.28 -10.52 -20.31
C ALA B 298 20.84 -11.26 -21.58
N ARG B 299 19.70 -11.94 -21.49
CA ARG B 299 19.21 -12.76 -22.59
C ARG B 299 18.85 -11.92 -23.80
N VAL B 300 18.26 -10.75 -23.55
CA VAL B 300 17.91 -9.81 -24.60
C VAL B 300 19.15 -9.25 -25.26
N ALA B 301 20.18 -8.95 -24.46
CA ALA B 301 21.42 -8.42 -25.01
C ALA B 301 22.07 -9.48 -25.89
N GLU B 302 21.98 -10.71 -25.43
CA GLU B 302 22.48 -11.87 -26.16
C GLU B 302 21.76 -12.03 -27.51
N LEU B 303 20.44 -11.99 -27.48
CA LEU B 303 19.61 -12.20 -28.66
C LEU B 303 19.75 -11.07 -29.69
N THR B 304 19.99 -9.86 -29.20
CA THR B 304 20.18 -8.71 -30.07
C THR B 304 21.65 -8.50 -30.42
N GLY B 305 22.49 -9.47 -30.08
CA GLY B 305 23.90 -9.39 -30.41
C GLY B 305 24.50 -8.13 -29.82
N GLY B 306 24.09 -7.81 -28.59
CA GLY B 306 24.64 -6.68 -27.87
C GLY B 306 24.01 -5.32 -28.15
N ASP B 307 23.18 -5.24 -29.18
CA ASP B 307 22.58 -3.96 -29.58
C ASP B 307 21.74 -3.35 -28.45
N SER B 308 20.85 -4.16 -27.89
CA SER B 308 19.99 -3.73 -26.81
C SER B 308 20.81 -3.01 -25.73
N LEU B 309 21.95 -3.60 -25.39
CA LEU B 309 22.85 -3.03 -24.38
C LEU B 309 23.31 -1.61 -24.74
N LYS B 310 23.70 -1.45 -26.00
CA LYS B 310 24.15 -0.19 -26.52
C LYS B 310 23.06 0.84 -26.42
N SER B 311 21.84 0.45 -26.71
CA SER B 311 20.71 1.34 -26.54
C SER B 311 20.54 1.69 -25.09
N ASN B 312 20.76 0.72 -24.22
CA ASN B 312 20.59 0.94 -22.80
C ASN B 312 21.54 1.99 -22.32
N ILE B 313 22.77 1.91 -22.78
CA ILE B 313 23.78 2.84 -22.36
C ILE B 313 23.40 4.23 -22.80
N GLN B 314 22.95 4.34 -24.03
CA GLN B 314 22.60 5.62 -24.59
C GLN B 314 21.43 6.30 -23.90
N LEU B 315 20.42 5.52 -23.56
CA LEU B 315 19.30 6.03 -22.80
C LEU B 315 19.74 6.48 -21.41
N VAL B 316 20.67 5.76 -20.81
CA VAL B 316 21.18 6.20 -19.51
C VAL B 316 21.87 7.58 -19.54
N PHE B 317 22.74 7.82 -20.52
CA PHE B 317 23.31 9.15 -20.67
C PHE B 317 22.22 10.21 -20.88
N ASN B 318 21.29 9.95 -21.81
CA ASN B 318 20.19 10.88 -22.06
C ASN B 318 19.44 11.22 -20.77
N ASN B 319 19.05 10.18 -20.04
CA ASN B 319 18.37 10.36 -18.78
C ASN B 319 19.20 11.17 -17.79
N ALA B 320 20.51 10.98 -17.83
CA ALA B 320 21.36 11.70 -16.91
C ALA B 320 21.32 13.19 -17.22
N ILE B 321 21.49 13.54 -18.50
CA ILE B 321 21.41 14.94 -18.94
C ILE B 321 20.12 15.60 -18.46
N LEU B 322 18.99 14.99 -18.81
CA LEU B 322 17.71 15.57 -18.43
C LEU B 322 17.59 15.70 -16.90
N ALA B 323 18.11 14.71 -16.18
CA ALA B 323 18.05 14.72 -14.71
C ALA B 323 18.89 15.84 -14.11
N SER B 324 20.04 16.15 -14.73
CA SER B 324 20.82 17.33 -14.34
C SER B 324 20.02 18.62 -14.55
N GLU B 325 19.40 18.78 -15.72
CA GLU B 325 18.60 19.99 -15.93
C GLU B 325 17.48 20.15 -14.89
N ILE B 326 16.66 19.11 -14.71
CA ILE B 326 15.63 19.13 -13.67
C ILE B 326 16.25 19.47 -12.31
N ALA B 327 17.44 18.94 -12.06
CA ALA B 327 18.17 19.21 -10.83
C ALA B 327 18.39 20.72 -10.64
N LYS B 328 19.05 21.35 -11.60
CA LYS B 328 19.29 22.79 -11.53
C LYS B 328 17.98 23.55 -11.28
N GLU B 329 17.00 23.31 -12.15
CA GLU B 329 15.68 23.93 -11.99
C GLU B 329 15.09 23.73 -10.59
N TYR B 330 15.36 22.58 -9.97
CA TYR B 330 14.86 22.29 -8.63
C TYR B 330 15.60 23.04 -7.52
N GLN B 331 16.93 23.06 -7.60
CA GLN B 331 17.71 23.79 -6.62
C GLN B 331 17.23 25.24 -6.64
N ARG B 332 16.96 25.74 -7.85
CA ARG B 332 16.45 27.10 -7.99
C ARG B 332 15.24 27.37 -7.09
N LEU B 333 14.11 26.71 -7.36
CA LEU B 333 12.91 26.94 -6.55
C LEU B 333 13.06 26.35 -5.16
N PRO C 31 -0.49 28.01 3.02
CA PRO C 31 0.12 29.19 2.38
C PRO C 31 -0.89 29.97 1.53
N GLU C 32 -0.46 30.34 0.33
CA GLU C 32 -1.34 30.93 -0.66
C GLU C 32 -1.85 29.86 -1.61
N LEU C 33 -1.38 28.62 -1.42
CA LEU C 33 -1.74 27.47 -2.27
C LEU C 33 -2.98 26.72 -1.78
N LEU C 34 -3.49 27.17 -0.63
CA LEU C 34 -4.81 26.74 -0.15
C LEU C 34 -5.58 27.97 0.35
N GLN C 35 -6.80 28.16 -0.15
CA GLN C 35 -7.68 29.22 0.34
C GLN C 35 -8.96 28.62 0.90
N ILE C 36 -9.35 29.06 2.09
CA ILE C 36 -10.59 28.63 2.70
C ILE C 36 -11.57 29.80 2.74
N SER C 37 -12.76 29.57 2.22
CA SER C 37 -13.81 30.58 2.24
C SER C 37 -14.08 30.97 3.69
N PRO C 38 -14.32 32.26 3.93
CA PRO C 38 -14.57 32.80 5.28
C PRO C 38 -15.77 32.15 5.99
N GLU C 39 -16.81 31.74 5.26
CA GLU C 39 -17.91 31.01 5.88
C GLU C 39 -17.46 29.65 6.46
N VAL C 40 -16.39 29.09 5.88
CA VAL C 40 -15.83 27.80 6.32
C VAL C 40 -14.85 27.95 7.50
N GLN C 41 -13.78 28.73 7.29
CA GLN C 41 -12.87 29.06 8.39
C GLN C 41 -13.66 29.57 9.60
N ASP C 42 -14.68 30.40 9.33
CA ASP C 42 -15.52 30.92 10.41
C ASP C 42 -16.09 29.81 11.28
N ALA C 43 -16.46 28.70 10.65
CA ALA C 43 -16.98 27.54 11.38
C ALA C 43 -15.88 26.70 12.03
N LEU C 44 -14.71 26.64 11.38
CA LEU C 44 -13.58 25.90 11.93
C LEU C 44 -13.07 26.52 13.24
N LYS C 45 -12.77 27.82 13.18
CA LYS C 45 -12.37 28.57 14.37
C LYS C 45 -13.43 28.49 15.47
N ASN C 46 -14.70 28.58 15.07
CA ASN C 46 -15.82 28.62 16.00
C ASN C 46 -16.36 27.23 16.34
N LYS C 47 -15.66 26.18 15.89
CA LYS C 47 -16.02 24.81 16.24
C LYS C 47 -17.45 24.43 15.84
N LYS C 48 -17.81 24.66 14.58
CA LYS C 48 -19.13 24.29 14.06
C LYS C 48 -19.00 23.20 13.00
N PRO C 49 -20.03 22.34 12.87
CA PRO C 49 -19.96 21.17 11.99
C PRO C 49 -19.77 21.56 10.52
N VAL C 50 -18.77 20.95 9.89
CA VAL C 50 -18.47 21.23 8.49
C VAL C 50 -18.51 19.94 7.69
N VAL C 51 -19.14 19.97 6.52
CA VAL C 51 -19.18 18.77 5.70
C VAL C 51 -18.60 19.04 4.32
N ALA C 52 -17.64 18.22 3.92
CA ALA C 52 -16.97 18.39 2.65
C ALA C 52 -17.80 17.85 1.49
N LEU C 53 -17.55 18.40 0.31
CA LEU C 53 -18.18 17.91 -0.91
C LEU C 53 -17.11 17.91 -2.00
N GLU C 54 -17.30 17.09 -3.04
CA GLU C 54 -16.33 17.00 -4.12
C GLU C 54 -16.86 17.64 -5.40
N SER C 55 -15.94 18.11 -6.25
CA SER C 55 -16.35 18.74 -7.50
C SER C 55 -16.49 17.78 -8.69
N THR C 56 -15.95 16.56 -8.58
CA THR C 56 -16.11 15.58 -9.66
C THR C 56 -17.56 15.10 -9.80
N ILE C 57 -18.29 15.06 -8.69
CA ILE C 57 -19.74 14.84 -8.71
C ILE C 57 -20.31 15.76 -9.77
N ILE C 58 -19.78 16.98 -9.81
CA ILE C 58 -20.30 18.02 -10.69
C ILE C 58 -19.80 17.93 -12.12
N SER C 59 -18.52 18.19 -12.34
CA SER C 59 -18.00 18.30 -13.69
C SER C 59 -18.18 17.02 -14.49
N HIS C 60 -17.64 15.93 -13.98
CA HIS C 60 -17.71 14.65 -14.68
C HIS C 60 -18.83 13.72 -14.24
N GLY C 61 -19.46 14.04 -13.11
CA GLY C 61 -20.47 13.17 -12.53
C GLY C 61 -21.84 13.25 -13.15
N MET C 62 -22.28 14.47 -13.42
CA MET C 62 -23.63 14.73 -13.88
C MET C 62 -23.65 15.77 -14.98
N PRO C 63 -24.58 15.63 -15.92
CA PRO C 63 -24.68 16.58 -17.03
C PRO C 63 -25.22 17.92 -16.56
N PHE C 64 -24.91 18.98 -17.29
CA PHE C 64 -25.46 20.30 -17.04
C PHE C 64 -26.88 20.31 -17.62
N PRO C 65 -27.80 21.09 -17.02
CA PRO C 65 -27.81 21.91 -15.80
C PRO C 65 -27.91 21.14 -14.46
N GLN C 66 -28.33 19.88 -14.49
CA GLN C 66 -28.58 19.17 -13.23
C GLN C 66 -27.36 19.06 -12.30
N ASN C 67 -26.16 19.18 -12.86
CA ASN C 67 -24.95 19.13 -12.04
C ASN C 67 -24.78 20.31 -11.08
N ALA C 68 -24.83 21.53 -11.61
CA ALA C 68 -24.76 22.72 -10.76
C ALA C 68 -25.95 22.79 -9.80
N GLN C 69 -27.13 22.49 -10.31
CA GLN C 69 -28.35 22.48 -9.49
C GLN C 69 -28.17 21.54 -8.30
N THR C 70 -27.78 20.32 -8.60
CA THR C 70 -27.54 19.31 -7.57
C THR C 70 -26.52 19.82 -6.56
N ALA C 71 -25.41 20.38 -7.04
CA ALA C 71 -24.39 20.93 -6.14
C ALA C 71 -24.94 22.00 -5.16
N ILE C 72 -25.56 23.04 -5.71
CA ILE C 72 -26.13 24.13 -4.91
C ILE C 72 -27.19 23.65 -3.90
N GLU C 73 -28.07 22.75 -4.36
CA GLU C 73 -29.11 22.21 -3.49
C GLU C 73 -28.55 21.24 -2.43
N VAL C 74 -27.45 20.56 -2.75
CA VAL C 74 -26.77 19.73 -1.76
C VAL C 74 -26.23 20.65 -0.66
N GLU C 75 -25.52 21.70 -1.08
CA GLU C 75 -25.02 22.67 -0.11
C GLU C 75 -26.17 23.12 0.77
N GLU C 76 -27.24 23.63 0.15
CA GLU C 76 -28.40 24.08 0.90
C GLU C 76 -28.84 23.00 1.90
N THR C 77 -28.96 21.76 1.44
CA THR C 77 -29.44 20.66 2.29
C THR C 77 -28.60 20.59 3.55
N ILE C 78 -27.29 20.69 3.38
CA ILE C 78 -26.43 20.74 4.56
C ILE C 78 -26.75 21.97 5.42
N ARG C 79 -26.67 23.18 4.85
CA ARG C 79 -26.88 24.40 5.64
C ARG C 79 -28.12 24.28 6.51
N LYS C 80 -29.22 23.85 5.88
CA LYS C 80 -30.50 23.67 6.56
C LYS C 80 -30.45 22.52 7.56
N GLN C 81 -29.52 21.59 7.36
CA GLN C 81 -29.41 20.44 8.26
C GLN C 81 -28.79 20.81 9.62
N GLY C 82 -28.25 22.02 9.72
CA GLY C 82 -27.61 22.47 10.95
C GLY C 82 -26.10 22.52 10.86
N ALA C 83 -25.57 22.19 9.68
CA ALA C 83 -24.14 22.19 9.43
C ALA C 83 -23.75 23.14 8.29
N VAL C 84 -22.45 23.26 8.06
CA VAL C 84 -21.92 24.17 7.04
C VAL C 84 -21.27 23.38 5.90
N PRO C 85 -21.79 23.55 4.68
CA PRO C 85 -21.21 22.93 3.48
C PRO C 85 -19.86 23.56 3.10
N ALA C 86 -18.89 22.72 2.77
CA ALA C 86 -17.67 23.19 2.11
C ALA C 86 -17.39 22.31 0.91
N THR C 87 -17.58 22.86 -0.28
CA THR C 87 -17.31 22.11 -1.49
C THR C 87 -15.87 22.40 -1.82
N ILE C 88 -15.05 21.35 -1.92
CA ILE C 88 -13.66 21.54 -2.31
C ILE C 88 -13.53 21.50 -3.82
N ALA C 89 -12.66 22.35 -4.35
CA ALA C 89 -12.26 22.17 -5.76
C ALA C 89 -10.96 22.96 -6.06
N ILE C 90 -10.45 22.85 -7.27
CA ILE C 90 -9.27 23.65 -7.63
C ILE C 90 -9.65 24.70 -8.65
N ILE C 91 -9.67 25.97 -8.21
CA ILE C 91 -10.01 27.10 -9.09
C ILE C 91 -8.80 28.01 -9.31
N GLY C 92 -8.49 28.28 -10.58
CA GLY C 92 -7.35 29.12 -10.90
C GLY C 92 -6.09 28.61 -10.21
N GLY C 93 -6.00 27.29 -10.09
CA GLY C 93 -4.82 26.66 -9.53
C GLY C 93 -4.84 26.53 -8.01
N VAL C 94 -5.86 27.11 -7.39
CA VAL C 94 -5.96 27.13 -5.94
C VAL C 94 -6.81 25.98 -5.40
N MET C 95 -6.32 25.38 -4.33
CA MET C 95 -7.16 24.44 -3.60
C MET C 95 -8.10 25.28 -2.75
N LYS C 96 -9.38 25.13 -3.02
CA LYS C 96 -10.36 26.00 -2.43
C LYS C 96 -11.34 25.19 -1.61
N VAL C 97 -11.45 25.60 -0.34
CA VAL C 97 -12.36 24.97 0.60
C VAL C 97 -13.61 25.84 0.78
N GLY C 98 -14.71 25.36 0.21
CA GLY C 98 -15.94 26.12 0.16
C GLY C 98 -15.94 26.91 -1.13
N LEU C 99 -17.09 27.02 -1.76
CA LEU C 99 -17.14 27.55 -3.12
C LEU C 99 -18.31 28.50 -3.34
N SER C 100 -18.12 29.43 -4.28
CA SER C 100 -19.19 30.31 -4.74
C SER C 100 -20.12 29.59 -5.71
N LYS C 101 -21.33 30.12 -5.86
CA LYS C 101 -22.27 29.61 -6.86
C LYS C 101 -21.73 29.85 -8.27
N GLU C 102 -20.87 30.86 -8.41
CA GLU C 102 -20.23 31.16 -9.69
C GLU C 102 -19.28 30.04 -10.10
N GLU C 103 -18.48 29.60 -9.15
CA GLU C 103 -17.52 28.54 -9.40
C GLU C 103 -18.22 27.20 -9.63
N ILE C 104 -19.28 26.94 -8.86
CA ILE C 104 -20.11 25.75 -9.07
C ILE C 104 -20.76 25.73 -10.46
N GLU C 105 -21.39 26.83 -10.86
CA GLU C 105 -21.93 26.90 -12.21
C GLU C 105 -20.83 26.72 -13.26
N LEU C 106 -19.64 27.22 -12.96
CA LEU C 106 -18.52 27.13 -13.90
C LEU C 106 -18.08 25.67 -14.10
N LEU C 107 -17.92 24.96 -12.99
CA LEU C 107 -17.57 23.53 -13.02
C LEU C 107 -18.64 22.72 -13.74
N GLY C 108 -19.90 23.02 -13.42
CA GLY C 108 -21.04 22.35 -14.05
C GLY C 108 -21.14 22.57 -15.54
N ARG C 109 -20.76 23.78 -15.98
CA ARG C 109 -20.89 24.17 -17.39
C ARG C 109 -19.67 23.74 -18.22
N GLU C 110 -18.49 24.25 -17.88
CA GLU C 110 -17.25 23.82 -18.52
C GLU C 110 -17.06 22.30 -18.47
N GLY C 111 -17.68 21.65 -17.48
CA GLY C 111 -17.91 20.21 -17.54
C GLY C 111 -16.71 19.31 -17.79
N HIS C 112 -16.80 18.49 -18.82
CA HIS C 112 -15.72 17.54 -19.12
C HIS C 112 -14.45 18.25 -19.57
N ASN C 113 -14.57 19.56 -19.80
CA ASN C 113 -13.41 20.40 -20.15
C ASN C 113 -12.58 20.77 -18.92
N VAL C 114 -13.17 20.59 -17.74
CA VAL C 114 -12.44 20.76 -16.48
C VAL C 114 -11.64 19.49 -16.14
N THR C 115 -10.37 19.65 -15.76
CA THR C 115 -9.53 18.50 -15.45
C THR C 115 -10.07 17.68 -14.27
N LYS C 116 -10.25 16.37 -14.49
CA LYS C 116 -10.58 15.50 -13.37
C LYS C 116 -9.30 15.26 -12.56
N VAL C 117 -9.35 15.55 -11.26
CA VAL C 117 -8.18 15.50 -10.40
C VAL C 117 -8.21 14.44 -9.29
N SER C 118 -7.36 13.44 -9.43
CA SER C 118 -7.01 12.49 -8.40
C SER C 118 -5.69 12.93 -7.82
N ARG C 119 -5.11 12.10 -6.96
CA ARG C 119 -3.88 12.43 -6.26
C ARG C 119 -2.68 12.66 -7.15
N ARG C 120 -2.52 11.84 -8.17
CA ARG C 120 -1.47 12.03 -9.15
C ARG C 120 -1.65 13.31 -9.96
N ASP C 121 -2.89 13.62 -10.25
CA ASP C 121 -3.28 14.83 -10.95
C ASP C 121 -2.98 16.11 -10.22
N LEU C 122 -3.15 16.09 -8.91
CA LEU C 122 -3.26 17.31 -8.12
C LEU C 122 -2.16 18.39 -8.28
N PRO C 123 -0.88 18.03 -8.05
CA PRO C 123 0.13 19.09 -8.03
C PRO C 123 0.21 19.88 -9.33
N PHE C 124 -0.05 19.21 -10.46
CA PHE C 124 0.06 19.86 -11.77
C PHE C 124 -1.05 20.86 -12.02
N VAL C 125 -2.28 20.46 -11.71
CA VAL C 125 -3.43 21.34 -11.85
C VAL C 125 -3.18 22.61 -11.05
N VAL C 126 -2.51 22.46 -9.91
CA VAL C 126 -2.06 23.58 -9.09
C VAL C 126 -0.92 24.33 -9.76
N ALA C 127 0.14 23.61 -10.12
CA ALA C 127 1.29 24.22 -10.78
C ALA C 127 0.87 25.11 -11.96
N ALA C 128 -0.05 24.61 -12.78
CA ALA C 128 -0.41 25.25 -14.02
C ALA C 128 -1.56 26.25 -13.84
N GLY C 129 -1.97 26.42 -12.59
CA GLY C 129 -3.00 27.38 -12.26
C GLY C 129 -4.24 27.12 -13.08
N LYS C 130 -4.54 25.84 -13.27
CA LYS C 130 -5.77 25.45 -13.96
C LYS C 130 -6.89 25.16 -12.96
N ASN C 131 -8.05 24.83 -13.48
CA ASN C 131 -9.17 24.44 -12.65
C ASN C 131 -9.35 22.93 -12.77
N GLY C 132 -9.74 22.29 -11.68
CA GLY C 132 -10.01 20.87 -11.74
C GLY C 132 -11.04 20.43 -10.74
N ALA C 133 -11.74 19.36 -11.08
CA ALA C 133 -12.78 18.83 -10.21
C ALA C 133 -12.16 17.66 -9.47
N THR C 134 -12.19 17.77 -8.15
CA THR C 134 -11.48 16.84 -7.29
C THR C 134 -12.31 15.58 -7.10
N THR C 135 -11.61 14.45 -7.17
CA THR C 135 -12.20 13.14 -6.89
C THR C 135 -12.33 12.93 -5.37
N VAL C 136 -12.94 11.81 -4.99
CA VAL C 136 -13.01 11.43 -3.59
C VAL C 136 -11.61 11.47 -2.97
N ALA C 137 -10.61 11.01 -3.71
CA ALA C 137 -9.23 10.97 -3.22
C ALA C 137 -8.69 12.36 -2.89
N SER C 138 -8.75 13.25 -3.88
CA SER C 138 -8.27 14.61 -3.73
C SER C 138 -9.12 15.42 -2.74
N THR C 139 -10.44 15.18 -2.75
CA THR C 139 -11.32 15.84 -1.79
C THR C 139 -10.98 15.42 -0.36
N MET C 140 -10.62 14.15 -0.18
CA MET C 140 -10.14 13.68 1.12
C MET C 140 -8.85 14.38 1.48
N ILE C 141 -7.91 14.43 0.54
CA ILE C 141 -6.65 15.13 0.78
C ILE C 141 -6.90 16.56 1.26
N ILE C 142 -7.66 17.31 0.48
CA ILE C 142 -7.84 18.74 0.73
C ILE C 142 -8.56 18.96 2.05
N ALA C 143 -9.66 18.24 2.25
CA ALA C 143 -10.35 18.28 3.54
C ALA C 143 -9.37 18.03 4.69
N ALA C 144 -8.47 17.06 4.51
CA ALA C 144 -7.44 16.74 5.49
C ALA C 144 -6.52 17.93 5.79
N LEU C 145 -6.07 18.58 4.73
CA LEU C 145 -5.26 19.78 4.87
C LEU C 145 -5.98 20.84 5.71
N ALA C 146 -7.29 20.93 5.52
CA ALA C 146 -8.07 21.96 6.21
C ALA C 146 -8.64 21.52 7.57
N GLY C 147 -8.48 20.24 7.89
CA GLY C 147 -9.03 19.68 9.12
C GLY C 147 -10.51 19.37 9.10
N ILE C 148 -11.01 18.82 7.99
CA ILE C 148 -12.41 18.42 7.93
C ILE C 148 -12.50 16.91 7.94
N LYS C 149 -13.07 16.37 9.01
CA LYS C 149 -13.04 14.93 9.24
C LYS C 149 -14.22 14.23 8.61
N VAL C 150 -15.15 15.01 8.06
CA VAL C 150 -16.36 14.43 7.49
C VAL C 150 -16.69 15.01 6.13
N PHE C 151 -16.98 14.12 5.18
CA PHE C 151 -17.11 14.43 3.75
C PHE C 151 -18.21 13.58 3.10
N ALA C 152 -19.08 14.22 2.31
CA ALA C 152 -20.16 13.51 1.65
C ALA C 152 -20.10 13.53 0.13
N THR C 153 -20.33 12.37 -0.48
CA THR C 153 -20.31 12.20 -1.93
C THR C 153 -21.46 11.25 -2.32
N GLY C 154 -21.64 10.99 -3.61
CA GLY C 154 -22.56 9.96 -4.04
C GLY C 154 -22.06 8.53 -3.81
N GLY C 155 -20.96 8.19 -4.46
CA GLY C 155 -20.30 6.94 -4.12
C GLY C 155 -18.86 6.90 -4.59
N ILE C 156 -18.05 6.18 -3.84
CA ILE C 156 -16.61 6.16 -4.07
C ILE C 156 -16.25 5.29 -5.26
N GLY C 157 -15.05 5.50 -5.78
CA GLY C 157 -14.47 4.59 -6.76
C GLY C 157 -14.01 3.37 -6.02
N GLY C 158 -13.51 2.38 -6.76
CA GLY C 158 -13.16 1.10 -6.18
C GLY C 158 -12.53 0.19 -7.21
N VAL C 159 -12.63 -1.11 -6.96
CA VAL C 159 -12.19 -2.10 -7.93
C VAL C 159 -13.17 -2.18 -9.10
N HIS C 160 -12.66 -1.93 -10.30
CA HIS C 160 -13.48 -2.03 -11.50
C HIS C 160 -13.69 -3.48 -11.89
N ARG C 161 -14.79 -3.74 -12.59
CA ARG C 161 -15.04 -5.05 -13.14
C ARG C 161 -13.89 -5.41 -14.08
N GLY C 162 -13.28 -6.56 -13.82
CA GLY C 162 -12.12 -7.00 -14.60
C GLY C 162 -10.79 -6.44 -14.11
N ALA C 163 -10.76 -5.87 -12.91
CA ALA C 163 -9.49 -5.35 -12.38
C ALA C 163 -8.47 -6.47 -12.14
N GLU C 164 -8.97 -7.68 -12.04
CA GLU C 164 -8.15 -8.84 -11.80
C GLU C 164 -7.19 -9.04 -12.95
N HIS C 165 -7.65 -8.73 -14.15
CA HIS C 165 -6.77 -8.75 -15.29
C HIS C 165 -6.31 -7.36 -15.73
N THR C 166 -7.07 -6.34 -15.46
CA THR C 166 -6.72 -5.00 -15.91
C THR C 166 -5.98 -4.13 -14.92
N PHE C 167 -5.98 -4.55 -13.67
CA PHE C 167 -5.49 -3.74 -12.55
C PHE C 167 -6.19 -2.38 -12.40
N ASP C 168 -7.44 -2.26 -12.82
CA ASP C 168 -7.98 -0.91 -12.78
C ASP C 168 -8.65 -0.70 -11.43
N ILE C 169 -7.96 0.09 -10.60
CA ILE C 169 -8.36 0.30 -9.23
C ILE C 169 -8.20 1.78 -8.83
N SER C 170 -9.31 2.40 -8.43
CA SER C 170 -9.29 3.79 -8.03
C SER C 170 -8.30 4.14 -6.89
N ALA C 171 -7.56 5.24 -7.08
CA ALA C 171 -6.72 5.83 -6.03
C ALA C 171 -7.48 6.17 -4.73
N ASP C 172 -8.80 6.30 -4.86
CA ASP C 172 -9.71 6.49 -3.74
C ASP C 172 -9.50 5.48 -2.62
N LEU C 173 -9.33 4.22 -3.00
CA LEU C 173 -9.18 3.15 -2.04
C LEU C 173 -7.92 3.35 -1.24
N GLN C 174 -6.86 3.80 -1.88
CA GLN C 174 -5.65 4.18 -1.19
C GLN C 174 -5.79 5.38 -0.26
N GLU C 175 -6.55 6.39 -0.66
CA GLU C 175 -6.76 7.54 0.19
C GLU C 175 -7.51 7.18 1.44
N LEU C 176 -8.46 6.31 1.27
CA LEU C 176 -9.19 5.76 2.37
C LEU C 176 -8.25 4.98 3.28
N ALA C 177 -7.27 4.30 2.70
CA ALA C 177 -6.31 3.52 3.47
C ALA C 177 -5.41 4.39 4.37
N ASN C 178 -5.17 5.62 3.90
CA ASN C 178 -4.17 6.50 4.48
C ASN C 178 -4.65 7.78 5.17
N THR C 179 -5.45 8.57 4.46
CA THR C 179 -5.85 9.90 4.92
C THR C 179 -7.06 9.91 5.89
N ASN C 180 -7.03 10.77 6.92
CA ASN C 180 -8.05 10.69 7.94
C ASN C 180 -9.26 11.55 7.60
N VAL C 181 -10.28 10.88 7.07
CA VAL C 181 -11.52 11.52 6.68
C VAL C 181 -12.62 10.47 6.68
N THR C 182 -13.81 10.85 7.10
CA THR C 182 -14.95 9.97 6.96
C THR C 182 -15.68 10.31 5.67
N VAL C 183 -16.00 9.29 4.89
CA VAL C 183 -16.66 9.46 3.61
C VAL C 183 -18.01 8.79 3.66
N VAL C 184 -19.06 9.62 3.60
CA VAL C 184 -20.44 9.18 3.62
C VAL C 184 -20.97 9.07 2.18
N CYS C 185 -21.56 7.93 1.85
CA CYS C 185 -21.91 7.63 0.47
C CYS C 185 -22.95 6.52 0.38
N ALA C 186 -23.29 6.18 -0.86
CA ALA C 186 -24.27 5.15 -1.20
C ALA C 186 -23.59 3.80 -1.37
N GLY C 187 -22.35 3.71 -0.92
CA GLY C 187 -21.51 2.56 -1.16
C GLY C 187 -20.65 2.93 -2.35
N ALA C 188 -20.03 1.93 -2.98
CA ALA C 188 -19.22 2.20 -4.16
C ALA C 188 -20.14 2.24 -5.38
N LYS C 189 -19.80 3.02 -6.39
CA LYS C 189 -20.68 3.16 -7.54
C LYS C 189 -20.89 1.76 -8.07
N SER C 190 -22.13 1.41 -8.39
CA SER C 190 -22.45 0.01 -8.63
C SER C 190 -21.93 -0.50 -9.97
N ILE C 191 -21.46 0.42 -10.82
CA ILE C 191 -20.79 0.05 -12.07
C ILE C 191 -19.51 -0.76 -11.83
N LEU C 192 -18.95 -0.64 -10.63
CA LEU C 192 -17.69 -1.26 -10.25
C LEU C 192 -17.86 -2.72 -9.84
N ASP C 193 -16.77 -3.32 -9.34
CA ASP C 193 -16.83 -4.67 -8.79
C ASP C 193 -16.85 -4.55 -7.26
N LEU C 194 -18.00 -4.81 -6.67
CA LEU C 194 -18.18 -4.51 -5.26
C LEU C 194 -17.51 -5.54 -4.35
N GLY C 195 -17.58 -6.82 -4.74
CA GLY C 195 -16.98 -7.89 -3.96
C GLY C 195 -15.51 -7.62 -3.75
N LEU C 196 -14.81 -7.46 -4.86
CA LEU C 196 -13.39 -7.12 -4.88
C LEU C 196 -13.08 -5.87 -4.05
N THR C 197 -13.94 -4.86 -4.20
CA THR C 197 -13.85 -3.64 -3.39
C THR C 197 -13.91 -3.93 -1.88
N THR C 198 -14.80 -4.83 -1.45
CA THR C 198 -14.87 -5.17 -0.02
C THR C 198 -13.62 -5.95 0.45
N GLU C 199 -13.13 -6.86 -0.39
CA GLU C 199 -11.89 -7.56 -0.05
C GLU C 199 -10.78 -6.53 0.15
N TYR C 200 -10.67 -5.65 -0.83
CA TYR C 200 -9.61 -4.63 -0.86
C TYR C 200 -9.68 -3.74 0.40
N LEU C 201 -10.87 -3.24 0.71
CA LEU C 201 -11.02 -2.47 1.94
C LEU C 201 -10.53 -3.24 3.15
N GLU C 202 -10.91 -4.52 3.25
CA GLU C 202 -10.41 -5.30 4.38
C GLU C 202 -8.89 -5.30 4.42
N THR C 203 -8.27 -5.65 3.30
CA THR C 203 -6.82 -5.70 3.17
C THR C 203 -6.11 -4.43 3.65
N PHE C 204 -6.66 -3.29 3.27
CA PHE C 204 -6.07 -1.99 3.64
C PHE C 204 -6.58 -1.37 4.94
N GLY C 205 -7.36 -2.14 5.70
CA GLY C 205 -7.74 -1.78 7.05
C GLY C 205 -8.82 -0.71 7.18
N VAL C 206 -9.55 -0.47 6.09
CA VAL C 206 -10.55 0.58 6.01
C VAL C 206 -11.90 0.03 6.42
N PRO C 207 -12.47 0.58 7.51
CA PRO C 207 -13.76 0.08 7.99
C PRO C 207 -14.87 0.39 6.98
N LEU C 208 -15.71 -0.59 6.68
CA LEU C 208 -16.88 -0.35 5.83
C LEU C 208 -18.14 -0.43 6.68
N ILE C 209 -18.71 0.73 6.98
CA ILE C 209 -19.81 0.81 7.94
C ILE C 209 -21.14 0.90 7.21
N GLY C 210 -21.97 -0.13 7.33
CA GLY C 210 -23.37 -0.03 6.90
C GLY C 210 -24.24 0.79 7.84
N TYR C 211 -24.92 1.80 7.32
CA TYR C 211 -25.80 2.58 8.18
C TYR C 211 -27.13 1.89 8.25
N GLN C 212 -27.48 1.40 9.43
CA GLN C 212 -28.72 0.68 9.66
C GLN C 212 -28.94 -0.44 8.65
N THR C 213 -27.85 -1.04 8.19
CA THR C 213 -27.94 -2.16 7.27
C THR C 213 -26.72 -3.08 7.39
N LYS C 214 -26.95 -4.39 7.32
CA LYS C 214 -25.86 -5.37 7.27
C LYS C 214 -25.33 -5.48 5.85
N ALA C 215 -26.24 -5.47 4.89
CA ALA C 215 -25.87 -5.55 3.48
C ALA C 215 -25.36 -4.22 2.96
N LEU C 216 -24.34 -4.31 2.12
CA LEU C 216 -23.65 -3.16 1.54
C LEU C 216 -24.56 -2.46 0.55
N PRO C 217 -24.85 -1.17 0.78
CA PRO C 217 -25.63 -0.40 -0.18
C PRO C 217 -25.02 -0.50 -1.57
N ALA C 218 -25.89 -0.75 -2.54
CA ALA C 218 -25.52 -0.99 -3.92
C ALA C 218 -25.56 0.27 -4.80
N PHE C 219 -25.52 1.45 -4.19
CA PHE C 219 -25.70 2.68 -4.96
C PHE C 219 -27.15 2.78 -5.47
N PHE C 220 -27.33 2.80 -6.79
CA PHE C 220 -28.68 2.89 -7.36
C PHE C 220 -29.65 1.94 -6.67
N CYS C 221 -29.19 0.72 -6.41
CA CYS C 221 -29.94 -0.22 -5.59
C CYS C 221 -29.74 0.05 -4.09
N ARG C 222 -30.73 -0.33 -3.29
CA ARG C 222 -30.66 -0.19 -1.84
C ARG C 222 -29.85 -1.33 -1.18
N THR C 223 -29.77 -2.47 -1.86
CA THR C 223 -29.13 -3.66 -1.31
C THR C 223 -28.23 -4.37 -2.33
N SER C 224 -27.30 -5.17 -1.81
CA SER C 224 -26.42 -5.96 -2.65
C SER C 224 -26.13 -7.31 -2.00
N PRO C 225 -25.63 -8.27 -2.80
CA PRO C 225 -25.24 -9.60 -2.32
C PRO C 225 -24.10 -9.49 -1.32
N PHE C 226 -23.56 -8.29 -1.16
CA PHE C 226 -22.43 -8.04 -0.24
C PHE C 226 -22.80 -7.36 1.08
N ASP C 227 -21.99 -7.63 2.11
CA ASP C 227 -22.19 -7.10 3.46
C ASP C 227 -21.08 -6.14 3.80
N VAL C 228 -21.34 -5.23 4.73
CA VAL C 228 -20.34 -4.27 5.17
C VAL C 228 -19.48 -4.90 6.25
N SER C 229 -18.52 -4.16 6.77
CA SER C 229 -17.70 -4.64 7.89
C SER C 229 -18.37 -4.51 9.28
N ILE C 230 -19.08 -3.41 9.53
CA ILE C 230 -19.98 -3.34 10.69
C ILE C 230 -21.26 -2.58 10.38
N ARG C 231 -22.36 -3.02 11.00
CA ARG C 231 -23.59 -2.26 10.91
C ARG C 231 -23.68 -1.31 12.11
N LEU C 232 -23.63 -0.02 11.84
CA LEU C 232 -23.87 0.96 12.89
C LEU C 232 -25.17 1.72 12.60
N ASP C 233 -26.00 1.86 13.64
CA ASP C 233 -27.35 2.42 13.52
C ASP C 233 -27.47 3.93 13.76
N SER C 234 -26.41 4.59 14.22
CA SER C 234 -26.53 6.01 14.58
C SER C 234 -25.24 6.81 14.37
N ALA C 235 -25.40 8.08 13.99
CA ALA C 235 -24.26 8.97 13.76
C ALA C 235 -23.32 9.03 14.96
N SER C 236 -23.87 9.10 16.17
CA SER C 236 -23.05 9.18 17.39
C SER C 236 -22.08 8.00 17.52
N GLU C 237 -22.60 6.79 17.35
CA GLU C 237 -21.79 5.60 17.34
C GLU C 237 -20.61 5.81 16.39
N ILE C 238 -20.93 6.19 15.15
CA ILE C 238 -19.91 6.40 14.13
C ILE C 238 -18.86 7.41 14.59
N ALA C 239 -19.30 8.50 15.24
CA ALA C 239 -18.38 9.56 15.67
C ALA C 239 -17.43 9.08 16.77
N ARG C 240 -17.97 8.31 17.71
CA ARG C 240 -17.14 7.75 18.76
C ARG C 240 -16.13 6.80 18.12
N ALA C 241 -16.59 6.01 17.14
CA ALA C 241 -15.67 5.15 16.41
C ALA C 241 -14.56 5.98 15.77
N MET C 242 -14.90 7.16 15.28
CA MET C 242 -13.91 8.01 14.62
C MET C 242 -12.85 8.51 15.59
N VAL C 243 -13.29 9.10 16.69
CA VAL C 243 -12.33 9.66 17.63
C VAL C 243 -11.47 8.56 18.27
N VAL C 244 -12.08 7.43 18.60
CA VAL C 244 -11.34 6.28 19.10
C VAL C 244 -10.31 5.75 18.08
N LYS C 245 -10.71 5.67 16.82
CA LYS C 245 -9.80 5.24 15.77
C LYS C 245 -8.58 6.13 15.60
N TRP C 246 -8.80 7.45 15.50
CA TRP C 246 -7.65 8.34 15.26
C TRP C 246 -6.82 8.62 16.52
N GLN C 247 -7.47 8.67 17.68
CA GLN C 247 -6.72 8.87 18.92
C GLN C 247 -5.74 7.71 19.08
N SER C 248 -6.22 6.51 18.72
CA SER C 248 -5.43 5.29 18.76
C SER C 248 -4.32 5.26 17.72
N GLY C 249 -4.29 6.25 16.84
CA GLY C 249 -3.19 6.36 15.90
C GLY C 249 -3.38 5.59 14.60
N LEU C 250 -4.58 5.06 14.37
CA LEU C 250 -4.74 4.29 13.15
C LEU C 250 -5.14 5.26 12.06
N ASN C 251 -4.19 5.64 11.24
CA ASN C 251 -4.48 6.56 10.17
C ASN C 251 -5.31 5.88 9.11
N GLY C 252 -5.97 6.68 8.29
CA GLY C 252 -6.90 6.20 7.30
C GLY C 252 -8.34 6.61 7.58
N GLY C 253 -9.13 6.64 6.51
CA GLY C 253 -10.48 7.15 6.59
C GLY C 253 -11.47 6.03 6.85
N LEU C 254 -12.74 6.38 6.78
CA LEU C 254 -13.83 5.45 7.03
C LEU C 254 -14.87 5.54 5.91
N VAL C 255 -15.38 4.40 5.46
CA VAL C 255 -16.51 4.39 4.54
C VAL C 255 -17.81 4.18 5.31
N VAL C 256 -18.72 5.12 5.17
CA VAL C 256 -20.07 5.00 5.71
C VAL C 256 -21.04 4.85 4.54
N ALA C 257 -21.61 3.66 4.41
CA ALA C 257 -22.50 3.33 3.30
C ALA C 257 -23.97 3.60 3.66
N ASN C 258 -24.57 4.54 2.95
CA ASN C 258 -25.95 4.96 3.24
C ASN C 258 -26.95 4.45 2.21
N PRO C 259 -27.79 3.50 2.61
CA PRO C 259 -28.79 2.98 1.68
C PRO C 259 -29.62 4.12 1.08
N ILE C 260 -29.79 4.07 -0.23
CA ILE C 260 -30.67 5.00 -0.93
C ILE C 260 -32.08 4.90 -0.33
N PRO C 261 -32.78 6.06 -0.22
CA PRO C 261 -34.17 6.01 0.24
C PRO C 261 -34.98 5.03 -0.61
N GLU C 262 -35.87 4.26 0.03
CA GLU C 262 -36.58 3.17 -0.64
C GLU C 262 -37.35 3.60 -1.90
N GLN C 263 -37.90 4.81 -1.89
CA GLN C 263 -38.76 5.27 -2.98
C GLN C 263 -38.00 5.77 -4.23
N PHE C 264 -36.73 6.13 -4.05
CA PHE C 264 -35.91 6.57 -5.15
C PHE C 264 -35.08 5.45 -5.76
N ALA C 265 -35.04 4.30 -5.11
CA ALA C 265 -34.24 3.17 -5.59
C ALA C 265 -34.65 2.81 -7.02
N MET C 266 -33.67 2.40 -7.82
CA MET C 266 -33.92 1.98 -9.19
C MET C 266 -34.45 0.55 -9.18
N PRO C 267 -35.23 0.20 -10.21
CA PRO C 267 -35.57 -1.21 -10.41
C PRO C 267 -34.30 -2.02 -10.67
N GLU C 268 -34.09 -3.09 -9.92
CA GLU C 268 -32.86 -3.88 -10.02
C GLU C 268 -32.65 -4.44 -11.42
N HIS C 269 -33.71 -4.97 -12.03
CA HIS C 269 -33.64 -5.53 -13.37
C HIS C 269 -33.23 -4.48 -14.41
N THR C 270 -33.92 -3.35 -14.41
CA THR C 270 -33.65 -2.30 -15.38
C THR C 270 -32.26 -1.70 -15.19
N ILE C 271 -31.95 -1.32 -13.96
CA ILE C 271 -30.71 -0.64 -13.67
C ILE C 271 -29.50 -1.55 -13.93
N ASN C 272 -29.59 -2.81 -13.51
CA ASN C 272 -28.51 -3.76 -13.76
C ASN C 272 -28.35 -4.11 -15.24
N ALA C 273 -29.47 -4.25 -15.96
CA ALA C 273 -29.38 -4.47 -17.40
C ALA C 273 -28.64 -3.30 -18.07
N ALA C 274 -28.94 -2.09 -17.60
CA ALA C 274 -28.32 -0.88 -18.13
C ALA C 274 -26.83 -0.82 -17.85
N ILE C 275 -26.47 -0.92 -16.58
CA ILE C 275 -25.09 -0.95 -16.14
C ILE C 275 -24.29 -1.99 -16.94
N ASP C 276 -24.81 -3.21 -17.00
CA ASP C 276 -24.14 -4.29 -17.72
C ASP C 276 -23.89 -3.96 -19.18
N GLN C 277 -24.92 -3.51 -19.88
CA GLN C 277 -24.71 -3.12 -21.28
C GLN C 277 -23.66 -2.02 -21.41
N ALA C 278 -23.78 -0.98 -20.59
CA ALA C 278 -22.90 0.17 -20.67
C ALA C 278 -21.46 -0.26 -20.51
N VAL C 279 -21.21 -1.16 -19.55
CA VAL C 279 -19.87 -1.68 -19.28
C VAL C 279 -19.35 -2.50 -20.47
N ALA C 280 -20.22 -3.35 -21.04
CA ALA C 280 -19.86 -4.12 -22.23
C ALA C 280 -19.42 -3.19 -23.36
N GLU C 281 -20.15 -2.08 -23.51
CA GLU C 281 -19.82 -1.08 -24.52
C GLU C 281 -18.51 -0.40 -24.22
N ALA C 282 -18.36 0.12 -23.01
CA ALA C 282 -17.12 0.75 -22.59
C ALA C 282 -15.93 -0.14 -22.98
N GLU C 283 -16.02 -1.42 -22.63
CA GLU C 283 -14.94 -2.34 -23.00
C GLU C 283 -14.74 -2.38 -24.51
N ALA C 284 -15.82 -2.64 -25.25
CA ALA C 284 -15.74 -2.69 -26.70
C ALA C 284 -15.07 -1.45 -27.33
N GLN C 285 -15.39 -0.28 -26.79
CA GLN C 285 -15.00 0.98 -27.41
C GLN C 285 -13.60 1.46 -27.05
N GLY C 286 -12.91 0.68 -26.20
CA GLY C 286 -11.58 1.06 -25.75
C GLY C 286 -11.57 2.18 -24.71
N VAL C 287 -12.64 2.27 -23.94
CA VAL C 287 -12.66 3.21 -22.81
C VAL C 287 -11.78 2.65 -21.67
N ILE C 288 -10.95 3.52 -21.09
CA ILE C 288 -10.05 3.12 -20.02
C ILE C 288 -9.71 4.28 -19.11
N GLY C 289 -9.13 3.98 -17.97
CA GLY C 289 -8.57 5.00 -17.10
C GLY C 289 -9.58 5.96 -16.53
N LYS C 290 -9.14 7.18 -16.28
CA LYS C 290 -9.97 8.17 -15.61
C LYS C 290 -11.30 8.44 -16.31
N GLU C 291 -11.38 8.17 -17.60
CA GLU C 291 -12.58 8.51 -18.34
C GLU C 291 -13.60 7.38 -18.33
N SER C 292 -13.29 6.32 -17.61
CA SER C 292 -14.11 5.12 -17.63
C SER C 292 -15.41 5.32 -16.85
N THR C 293 -15.31 5.84 -15.64
CA THR C 293 -16.49 6.09 -14.82
C THR C 293 -17.44 7.16 -15.37
N PRO C 294 -16.92 8.33 -15.78
CA PRO C 294 -17.81 9.33 -16.36
C PRO C 294 -18.58 8.78 -17.56
N PHE C 295 -17.87 8.05 -18.44
CA PHE C 295 -18.49 7.47 -19.62
C PHE C 295 -19.67 6.56 -19.24
N LEU C 296 -19.42 5.64 -18.33
CA LEU C 296 -20.40 4.65 -17.91
C LEU C 296 -21.63 5.34 -17.31
N LEU C 297 -21.39 6.36 -16.48
CA LEU C 297 -22.48 7.10 -15.85
C LEU C 297 -23.36 7.72 -16.91
N ALA C 298 -22.75 8.51 -17.80
CA ALA C 298 -23.47 9.11 -18.90
C ALA C 298 -24.26 8.06 -19.69
N ARG C 299 -23.59 6.96 -20.01
CA ARG C 299 -24.22 5.87 -20.77
C ARG C 299 -25.41 5.21 -20.05
N VAL C 300 -25.27 4.98 -18.74
CA VAL C 300 -26.34 4.41 -17.91
C VAL C 300 -27.62 5.28 -17.81
N ALA C 301 -27.47 6.57 -17.52
CA ALA C 301 -28.64 7.45 -17.46
C ALA C 301 -29.33 7.52 -18.83
N GLU C 302 -28.52 7.44 -19.88
CA GLU C 302 -29.01 7.40 -21.24
C GLU C 302 -29.87 6.16 -21.49
N LEU C 303 -29.37 4.99 -21.07
CA LEU C 303 -30.11 3.73 -21.22
C LEU C 303 -31.33 3.66 -20.28
N THR C 304 -31.22 4.31 -19.13
CA THR C 304 -32.32 4.42 -18.17
C THR C 304 -33.14 5.69 -18.37
N GLY C 305 -32.87 6.42 -19.45
CA GLY C 305 -33.62 7.61 -19.76
C GLY C 305 -33.71 8.62 -18.63
N GLY C 306 -32.60 8.87 -17.96
CA GLY C 306 -32.54 9.87 -16.92
C GLY C 306 -32.84 9.39 -15.51
N ASP C 307 -33.44 8.21 -15.38
CA ASP C 307 -33.88 7.73 -14.06
C ASP C 307 -32.74 7.44 -13.08
N SER C 308 -31.64 6.89 -13.59
CA SER C 308 -30.49 6.62 -12.73
C SER C 308 -29.85 7.93 -12.25
N LEU C 309 -29.87 8.97 -13.08
CA LEU C 309 -29.38 10.28 -12.66
C LEU C 309 -30.25 10.87 -11.53
N LYS C 310 -31.54 10.68 -11.70
CA LYS C 310 -32.51 11.12 -10.71
C LYS C 310 -32.33 10.38 -9.40
N SER C 311 -32.09 9.08 -9.49
CA SER C 311 -31.79 8.26 -8.35
C SER C 311 -30.48 8.73 -7.74
N ASN C 312 -29.56 9.10 -8.62
CA ASN C 312 -28.26 9.53 -8.20
C ASN C 312 -28.28 10.79 -7.36
N ILE C 313 -29.07 11.75 -7.79
CA ILE C 313 -29.23 13.03 -7.11
C ILE C 313 -29.86 12.88 -5.74
N GLN C 314 -30.84 12.00 -5.67
CA GLN C 314 -31.48 11.68 -4.39
C GLN C 314 -30.52 11.05 -3.36
N LEU C 315 -29.79 10.00 -3.76
CA LEU C 315 -28.85 9.37 -2.85
C LEU C 315 -27.80 10.38 -2.35
N VAL C 316 -27.39 11.30 -3.23
CA VAL C 316 -26.49 12.38 -2.79
C VAL C 316 -27.10 13.23 -1.66
N PHE C 317 -28.33 13.73 -1.86
CA PHE C 317 -29.00 14.46 -0.78
C PHE C 317 -29.05 13.66 0.54
N ASN C 318 -29.53 12.41 0.44
CA ASN C 318 -29.64 11.52 1.60
C ASN C 318 -28.31 11.43 2.37
N ASN C 319 -27.22 11.18 1.63
CA ASN C 319 -25.89 11.12 2.23
C ASN C 319 -25.47 12.45 2.86
N ALA C 320 -25.80 13.57 2.23
CA ALA C 320 -25.51 14.87 2.83
C ALA C 320 -26.18 15.02 4.19
N ILE C 321 -27.41 14.51 4.31
CA ILE C 321 -28.11 14.58 5.60
C ILE C 321 -27.42 13.71 6.68
N LEU C 322 -27.22 12.43 6.39
CA LEU C 322 -26.52 11.59 7.35
C LEU C 322 -25.16 12.18 7.74
N ALA C 323 -24.47 12.74 6.75
CA ALA C 323 -23.13 13.32 6.94
C ALA C 323 -23.17 14.49 7.91
N SER C 324 -24.17 15.37 7.73
CA SER C 324 -24.33 16.50 8.63
C SER C 324 -24.48 15.97 10.06
N GLU C 325 -25.38 15.00 10.23
CA GLU C 325 -25.58 14.43 11.57
C GLU C 325 -24.27 13.90 12.17
N ILE C 326 -23.53 13.08 11.40
CA ILE C 326 -22.21 12.60 11.82
C ILE C 326 -21.27 13.73 12.24
N ALA C 327 -21.07 14.72 11.36
CA ALA C 327 -20.19 15.84 11.63
C ALA C 327 -20.56 16.55 12.94
N LYS C 328 -21.85 16.76 13.17
CA LYS C 328 -22.30 17.40 14.40
C LYS C 328 -21.98 16.54 15.62
N GLU C 329 -22.43 15.29 15.61
CA GLU C 329 -22.22 14.38 16.72
C GLU C 329 -20.72 14.22 17.05
N TYR C 330 -19.88 14.24 16.01
CA TYR C 330 -18.43 14.16 16.18
C TYR C 330 -17.84 15.44 16.78
N GLN C 331 -18.26 16.58 16.27
CA GLN C 331 -17.79 17.87 16.81
C GLN C 331 -18.08 17.94 18.30
N ARG C 332 -19.24 17.47 18.68
CA ARG C 332 -19.60 17.43 20.08
C ARG C 332 -18.55 16.65 20.86
N LEU C 333 -18.28 15.43 20.40
CA LEU C 333 -17.27 14.57 20.98
C LEU C 333 -15.96 15.07 20.44
N ALA C 334 -15.08 15.44 21.36
CA ALA C 334 -13.82 16.09 21.03
C ALA C 334 -13.93 17.07 19.86
MN MN D . -9.44 -12.16 4.01
O3T KPS E . -6.62 -12.65 7.00
P KPS E . -7.30 -12.69 8.33
O1P KPS E . -8.63 -13.39 8.24
O2P KPS E . -7.24 -11.38 9.09
O5' KPS E . -6.39 -13.67 9.24
C5' KPS E . -5.60 -13.22 10.32
C4' KPS E . -5.24 -14.38 11.25
O4' KPS E . -5.56 -15.62 10.62
C3' KPS E . -3.77 -14.37 11.66
O3' KPS E . -3.40 -13.02 12.01
C2' KPS E . -3.49 -15.25 12.88
O2' KPS E . -4.48 -15.04 13.89
C1' KPS E . -3.27 -16.76 12.64
C5 KPS E . -3.32 -17.50 14.00
C6 KPS E . -1.91 -17.67 14.38
N1 KPS E . -1.41 -18.85 14.70
C2 KPS E . -2.14 -19.98 14.69
O2 KPS E . -1.60 -21.07 15.01
N3 KPS E . -3.42 -19.96 14.36
C4 KPS E . -4.03 -18.81 14.02
O4 KPS E . -5.24 -18.89 13.74
O3T KPS F . 14.15 -6.74 -9.61
P KPS F . 13.25 -5.70 -9.04
O1P KPS F . 11.82 -5.81 -9.49
O2P KPS F . 13.40 -5.38 -7.57
O5' KPS F . 13.75 -4.38 -9.78
C5' KPS F . 15.11 -3.97 -9.78
C4' KPS F . 15.45 -3.36 -11.13
O4' KPS F . 14.64 -4.01 -12.11
C3' KPS F . 15.18 -1.87 -11.18
O3' KPS F . 14.96 -1.35 -9.86
C2' KPS F . 16.35 -1.09 -11.80
O2' KPS F . 17.56 -1.45 -11.12
C1' KPS F . 16.50 -1.19 -13.34
C5 KPS F . 17.93 -0.80 -13.74
C6 KPS F . 17.86 0.51 -14.39
N1 KPS F . 18.39 0.77 -15.59
C2 KPS F . 19.04 -0.18 -16.28
O2 KPS F . 19.52 0.09 -17.39
N3 KPS F . 19.16 -1.42 -15.78
C4 KPS F . 18.66 -1.78 -14.60
O4 KPS F . 18.84 -2.95 -14.22
MN MN G . 9.99 -9.24 -8.65
O3T KPS H . -11.13 5.84 -10.09
P KPS H . -11.32 7.25 -10.58
O1P KPS H . -11.57 7.32 -12.07
O2P KPS H . -10.32 8.27 -10.05
O5' KPS H . -12.74 7.62 -9.93
C5' KPS H . -13.01 8.71 -9.03
C4' KPS H . -14.52 8.90 -9.01
O4' KPS H . -15.13 7.84 -9.76
C3' KPS H . -15.10 8.93 -7.58
O3' KPS H . -14.09 9.36 -6.67
C2' KPS H . -16.30 9.87 -7.43
O2' KPS H . -16.13 11.08 -8.18
C1' KPS H . -17.66 9.24 -7.77
C5 KPS H . -18.69 10.37 -7.72
C6 KPS H . -19.37 10.23 -6.42
N1 KPS H . -20.70 10.20 -6.31
C2 KPS H . -21.51 10.33 -7.39
O2 KPS H . -22.75 10.31 -7.23
N3 KPS H . -20.99 10.48 -8.63
C4 KPS H . -19.67 10.50 -8.86
O4 KPS H . -19.29 10.66 -10.06
MN MN I . -9.15 3.85 -12.88
#